data_7YKJ
#
_entry.id   7YKJ
#
_cell.length_a   1.00
_cell.length_b   1.00
_cell.length_c   1.00
_cell.angle_alpha   90.00
_cell.angle_beta   90.00
_cell.angle_gamma   90.00
#
_symmetry.space_group_name_H-M   'P 1'
#
loop_
_entity.id
_entity.type
_entity.pdbx_description
1 polymer 'Spike glycoprotein'
2 polymer 'P3E6 heavy chain'
3 polymer 'P3E6 light chain'
#
loop_
_entity_poly.entity_id
_entity_poly.type
_entity_poly.pdbx_seq_one_letter_code
_entity_poly.pdbx_strand_id
1 'polypeptide(L)'
;MFVFLVLLPLVSSQCVNLTTRTQLPPAYTNSFTRGVYYPDKVFRSSVLHSTQDLFLPFFSNVTWFHVISGTNGTKRFDNP
VLPFNDGVYFASIEKSNIIRGWIFGTTLDSKTQSLLIVNNATNVVIKVCEFQFCNDPFLDHKNNKSWMESEFRVYSSANN
CTFEYVSQPFLMDLEGKQGNFKNLREFVFKNIDGYFKIYSKHTPIIVREPEDLPQGFSALEPLVDLPIGINITRFQTLLA
LHRSYLTPGDSSSGWTAGAAAYYVGYLQPRTFLLKYNENGTITDAVDCALDPLSETKCTLKSFTVEKGIYQTSNFRVQPT
ESIVRFPNITNLCPFDEVFNATRFASVYAWNRKRISNCVADYSVLYNLAPFFTFKCYGVSPTKLNDLCFTNVYADSFVIR
GDEVRQIAPGQTGNIADYNYKLPDDFTGCVIAWNSNKLDSKVSGNYNYLYRLFRKSNLKPFERDISTEIYQAGNKPCNGV
AGFNCYFPLRSYSFRPTYGVGHQPYRVVVLSFELLHAPATVCGPKKSTNLVKNKCVNFNFNGLKGTGVLTESNKKFLPFQ
QFGRDIADTTDAVRDPQTLEILDITPCSFGGVSVITPGTNTSNQVAVLYQGVNCTEVPVAIHADQLTPTWRVYSTGSNVF
QTRAGCLIGAEYVNNSYECDIPIGAGICASYQTQTKSHGSASSVASQSIIAYTMSLGAENSVAYSNNSIAIPTNFTISVT
TEILPVSMTKTSVDCTMYICGDSTECSNLLLQYGSFCTQLKRALTGIAVEQDKNTQEVFAQVKQIYKTPPIKYFGGFNFS
QILPDPSKPSKRSFIEDLLFNKVTLADAGFIKQYGDCLGDIAARDLICAQKFKGLTVLPPLLTDEMIAQYTSALLAGTIT
SGWTFGAGAALQIPFAMQMAYRFNGIGVTQNVLYENQKLIANQFNSAIGKIQDSLSSTASALGKLQDVVNHNAQALNTLV
KQLSSKFGAISSVLNDIFSRLDPPEAEVQIDRLITGRLQSLQTYVTQQLIRAAEIRASANLAATKMSECVLGQSKRVDFC
GKGYHLMSFPQSAPHGVVFLHVTYVPAQEKNFTTAPAICHDGKAHFPREGVFVSNGTHWFVTQRNFYEPQIITTDNTFVS
GNCDVVIGIVNNTVYDPLQPELDSFKEELDKYFKNHTSPDVDLGDISGINASVVNIQKEIDRLNEVAKNLNESLIDLQEL
GKYEQ
;
B,C
2 'polypeptide(L)'
;EVQLLDSGGGLVQPGGSLRLSCAVSGFTFSNYAMNWVRQTPGKELEWVSAISGTGDDTHYADSVRGRFTISSDNSKNTVY
LQMNSLRVEDTAIYYCAKAISRYPWGCLDYWGQGTLVTVSS
;
A
3 'polypeptide(L)'
;EIVLTQSPGTLSLSPGERATLSCRASQSVSNSYLAWYQQKPGQAPRLLIYGASSRATGIPDRFSGSGSGTDFTLTISRLE
PEDFAVYYCQQYGTSPRLTFGGGTKVEIK
;
D
#
# COMPACT_ATOMS: atom_id res chain seq x y z
N ASN A 328 -18.99 27.87 -42.56
CA ASN A 328 -18.98 26.45 -42.96
C ASN A 328 -18.15 25.62 -42.01
N ILE A 329 -18.23 24.30 -42.12
CA ILE A 329 -17.32 23.32 -41.54
C ILE A 329 -16.24 23.00 -42.60
N THR A 330 -15.00 23.40 -42.35
CA THR A 330 -13.86 23.26 -43.29
C THR A 330 -12.59 22.88 -42.53
N ASN A 331 -11.55 22.42 -43.23
CA ASN A 331 -10.34 21.82 -42.66
C ASN A 331 -10.65 20.58 -41.82
N LEU A 332 -11.28 19.57 -42.43
CA LEU A 332 -11.48 18.25 -41.81
C LEU A 332 -10.13 17.71 -41.34
N CYS A 333 -10.01 17.30 -40.08
CA CYS A 333 -8.73 16.83 -39.55
C CYS A 333 -8.23 15.62 -40.36
N PRO A 334 -6.91 15.50 -40.55
CA PRO A 334 -6.33 14.47 -41.41
C PRO A 334 -6.27 13.08 -40.73
N PHE A 335 -7.40 12.67 -40.14
CA PHE A 335 -7.47 11.32 -39.51
C PHE A 335 -7.18 10.25 -40.56
N ASP A 336 -7.53 10.55 -41.81
CA ASP A 336 -7.34 9.57 -42.92
C ASP A 336 -5.85 9.21 -43.02
N GLU A 337 -5.01 10.21 -43.27
CA GLU A 337 -3.58 9.92 -43.48
C GLU A 337 -2.97 9.01 -42.40
N VAL A 338 -3.53 9.01 -41.18
CA VAL A 338 -3.02 8.23 -40.04
C VAL A 338 -3.70 6.86 -39.90
N PHE A 339 -5.00 6.74 -40.16
CA PHE A 339 -5.70 5.45 -40.14
C PHE A 339 -5.45 4.63 -41.43
N ASN A 340 -5.32 5.30 -42.59
CA ASN A 340 -5.02 4.64 -43.87
C ASN A 340 -3.53 4.64 -44.26
N ALA A 341 -2.59 4.96 -43.36
CA ALA A 341 -1.17 4.93 -43.66
C ALA A 341 -0.72 3.53 -44.16
N THR A 342 0.00 3.48 -45.29
CA THR A 342 0.44 2.20 -45.88
C THR A 342 1.49 1.49 -45.04
N ARG A 343 2.36 2.25 -44.39
CA ARG A 343 3.35 1.64 -43.47
C ARG A 343 3.09 2.16 -42.04
N PHE A 344 3.11 1.28 -41.05
CA PHE A 344 2.86 1.68 -39.64
C PHE A 344 4.18 1.65 -38.88
N ALA A 345 4.41 2.62 -37.97
CA ALA A 345 5.62 2.54 -37.16
C ALA A 345 5.66 1.25 -36.33
N SER A 346 6.86 0.78 -35.99
CA SER A 346 7.06 -0.30 -35.00
C SER A 346 6.71 0.15 -33.59
N VAL A 347 6.33 -0.77 -32.71
CA VAL A 347 5.92 -0.47 -31.32
C VAL A 347 7.03 0.17 -30.45
N TYR A 348 8.31 -0.03 -30.76
CA TYR A 348 9.41 0.70 -30.10
C TYR A 348 9.71 2.09 -30.72
N ALA A 349 9.30 2.33 -31.97
CA ALA A 349 9.58 3.53 -32.77
C ALA A 349 8.29 4.31 -33.13
N TRP A 350 7.25 4.14 -32.30
CA TRP A 350 5.87 4.56 -32.53
C TRP A 350 5.75 6.04 -32.95
N ASN A 351 5.01 6.30 -34.03
CA ASN A 351 4.84 7.66 -34.54
C ASN A 351 4.01 8.48 -33.53
N ARG A 352 4.13 9.81 -33.55
CA ARG A 352 3.25 10.73 -32.82
C ARG A 352 2.83 11.86 -33.76
N LYS A 353 1.69 11.72 -34.41
CA LYS A 353 1.10 12.84 -35.18
C LYS A 353 0.43 13.81 -34.20
N ARG A 354 0.67 15.11 -34.46
CA ARG A 354 0.05 16.18 -33.63
C ARG A 354 -1.01 16.92 -34.46
N ILE A 355 -2.27 16.85 -34.04
CA ILE A 355 -3.41 17.55 -34.66
C ILE A 355 -3.59 18.93 -33.99
N SER A 356 -3.78 19.96 -34.81
CA SER A 356 -4.21 21.33 -34.46
C SER A 356 -4.70 22.06 -35.74
N ASN A 357 -5.49 23.14 -35.60
CA ASN A 357 -6.10 23.94 -36.69
C ASN A 357 -7.02 23.18 -37.67
N CYS A 358 -7.76 22.19 -37.19
CA CYS A 358 -8.71 21.40 -37.99
C CYS A 358 -9.93 20.94 -37.16
N VAL A 359 -11.06 20.68 -37.82
CA VAL A 359 -12.26 20.09 -37.22
C VAL A 359 -12.16 18.55 -37.24
N ALA A 360 -12.18 17.91 -36.08
CA ALA A 360 -12.13 16.45 -35.98
C ALA A 360 -13.54 15.84 -36.04
N ASP A 361 -13.87 15.20 -37.16
CA ASP A 361 -15.07 14.43 -37.43
C ASP A 361 -14.92 12.97 -36.96
N TYR A 362 -14.83 12.85 -35.62
CA TYR A 362 -14.82 11.58 -34.91
C TYR A 362 -16.01 10.66 -35.24
N SER A 363 -17.14 11.21 -35.70
CA SER A 363 -18.29 10.44 -36.22
C SER A 363 -17.90 9.44 -37.30
N VAL A 364 -16.98 9.77 -38.21
CA VAL A 364 -16.47 8.84 -39.24
C VAL A 364 -15.67 7.70 -38.62
N LEU A 365 -14.95 7.97 -37.53
CA LEU A 365 -14.13 7.01 -36.80
C LEU A 365 -14.98 6.03 -35.97
N TYR A 366 -15.92 6.55 -35.18
CA TYR A 366 -16.67 5.76 -34.19
C TYR A 366 -17.96 5.12 -34.74
N ASN A 367 -18.48 5.58 -35.90
CA ASN A 367 -19.58 4.94 -36.64
C ASN A 367 -19.13 3.96 -37.75
N LEU A 368 -17.86 3.54 -37.69
CA LEU A 368 -17.33 2.62 -38.73
C LEU A 368 -17.60 1.18 -38.32
N ALA A 369 -17.14 0.21 -39.11
CA ALA A 369 -17.43 -1.22 -38.82
C ALA A 369 -16.13 -2.02 -38.61
N PRO A 370 -15.14 -1.99 -39.52
CA PRO A 370 -13.93 -2.83 -39.39
C PRO A 370 -13.35 -2.82 -37.97
N PHE A 371 -13.30 -1.65 -37.33
CA PHE A 371 -12.67 -1.55 -35.99
C PHE A 371 -13.22 -2.65 -35.06
N PHE A 372 -12.35 -3.25 -34.26
CA PHE A 372 -12.79 -4.36 -33.36
C PHE A 372 -12.75 -3.89 -31.90
N THR A 373 -11.82 -3.00 -31.55
CA THR A 373 -11.69 -2.52 -30.17
C THR A 373 -11.72 -1.00 -30.13
N PHE A 374 -12.58 -0.42 -29.30
CA PHE A 374 -12.64 1.03 -29.06
C PHE A 374 -12.97 1.25 -27.59
N LYS A 375 -11.96 1.56 -26.78
CA LYS A 375 -12.09 1.70 -25.33
C LYS A 375 -11.70 3.11 -24.92
N CYS A 376 -12.71 3.91 -24.57
CA CYS A 376 -12.51 5.27 -24.08
C CYS A 376 -12.52 5.29 -22.56
N TYR A 377 -11.55 6.01 -21.98
CA TYR A 377 -11.37 6.16 -20.54
C TYR A 377 -11.72 7.60 -20.16
N GLY A 378 -12.80 7.76 -19.41
CA GLY A 378 -13.34 9.07 -19.00
C GLY A 378 -14.03 9.91 -20.09
N VAL A 379 -14.14 9.41 -21.32
CA VAL A 379 -14.78 10.10 -22.47
C VAL A 379 -15.82 9.18 -23.13
N SER A 380 -17.02 9.66 -23.49
CA SER A 380 -18.01 8.90 -24.29
C SER A 380 -17.83 9.17 -25.80
N PRO A 381 -17.92 8.14 -26.68
CA PRO A 381 -17.87 8.31 -28.14
C PRO A 381 -19.05 9.12 -28.71
N THR A 382 -20.19 9.20 -28.01
CA THR A 382 -21.32 10.07 -28.40
C THR A 382 -21.06 11.54 -28.04
N LYS A 383 -20.49 11.80 -26.85
CA LYS A 383 -20.06 13.15 -26.42
C LYS A 383 -18.86 13.67 -27.23
N LEU A 384 -18.06 12.78 -27.81
CA LEU A 384 -16.86 13.08 -28.58
C LEU A 384 -17.08 14.05 -29.77
N ASN A 385 -18.31 14.15 -30.31
CA ASN A 385 -18.70 15.17 -31.31
C ASN A 385 -18.69 16.64 -30.80
N ASP A 386 -18.84 16.90 -29.50
CA ASP A 386 -19.12 18.24 -28.96
C ASP A 386 -17.97 18.85 -28.12
N LEU A 387 -16.71 18.61 -28.48
CA LEU A 387 -15.53 19.11 -27.73
C LEU A 387 -14.60 19.96 -28.58
N CYS A 388 -13.90 20.89 -27.93
CA CYS A 388 -12.76 21.63 -28.46
C CYS A 388 -11.56 21.48 -27.52
N PHE A 389 -10.39 21.08 -28.06
CA PHE A 389 -9.13 20.86 -27.30
C PHE A 389 -7.93 21.51 -28.03
N THR A 390 -6.77 21.70 -27.38
CA THR A 390 -5.64 22.43 -28.01
C THR A 390 -4.89 21.59 -29.03
N ASN A 391 -4.68 20.32 -28.70
CA ASN A 391 -4.10 19.33 -29.61
C ASN A 391 -4.64 17.93 -29.32
N VAL A 392 -4.55 17.08 -30.34
CA VAL A 392 -4.70 15.63 -30.23
C VAL A 392 -3.41 14.96 -30.70
N TYR A 393 -2.86 14.04 -29.91
CA TYR A 393 -1.79 13.17 -30.40
C TYR A 393 -2.39 11.88 -30.98
N ALA A 394 -1.74 11.35 -32.02
CA ALA A 394 -2.06 10.11 -32.69
C ALA A 394 -0.84 9.20 -32.64
N ASP A 395 -0.78 8.33 -31.63
CA ASP A 395 0.36 7.45 -31.37
C ASP A 395 0.16 6.13 -32.13
N SER A 396 0.64 6.05 -33.38
CA SER A 396 0.42 4.88 -34.24
C SER A 396 1.53 3.83 -34.13
N PHE A 397 1.14 2.56 -33.96
CA PHE A 397 2.05 1.41 -33.84
C PHE A 397 1.40 0.06 -34.17
N VAL A 398 2.22 -0.96 -34.41
CA VAL A 398 1.80 -2.35 -34.65
C VAL A 398 2.27 -3.28 -33.53
N ILE A 399 1.34 -4.11 -33.03
CA ILE A 399 1.51 -5.13 -31.98
C ILE A 399 0.75 -6.40 -32.37
N ARG A 400 0.90 -7.50 -31.62
CA ARG A 400 0.09 -8.71 -31.83
C ARG A 400 -1.16 -8.77 -30.95
N GLY A 401 -2.06 -9.71 -31.26
CA GLY A 401 -3.34 -9.88 -30.57
C GLY A 401 -3.29 -10.05 -29.05
N ASP A 402 -2.32 -10.79 -28.48
CA ASP A 402 -2.17 -10.93 -27.02
C ASP A 402 -1.76 -9.62 -26.31
N GLU A 403 -1.27 -8.63 -27.05
CA GLU A 403 -0.67 -7.41 -26.52
C GLU A 403 -1.65 -6.22 -26.59
N VAL A 404 -2.75 -6.32 -27.33
CA VAL A 404 -3.79 -5.27 -27.43
C VAL A 404 -4.45 -4.95 -26.06
N ARG A 405 -4.55 -5.95 -25.18
CA ARG A 405 -5.01 -5.79 -23.79
C ARG A 405 -4.06 -5.00 -22.89
N GLN A 406 -2.77 -4.92 -23.22
CA GLN A 406 -1.74 -4.19 -22.47
C GLN A 406 -1.78 -2.68 -22.78
N ILE A 407 -2.50 -2.24 -23.83
CA ILE A 407 -2.62 -0.83 -24.21
C ILE A 407 -3.78 -0.17 -23.47
N ALA A 408 -3.61 0.01 -22.16
CA ALA A 408 -4.55 0.67 -21.25
C ALA A 408 -3.80 1.26 -20.02
N PRO A 409 -4.40 2.21 -19.28
CA PRO A 409 -3.87 2.67 -17.99
C PRO A 409 -3.68 1.48 -17.01
N GLY A 410 -2.61 1.52 -16.21
CA GLY A 410 -2.40 0.47 -15.20
C GLY A 410 -2.28 -0.92 -15.79
N GLN A 411 -1.57 -1.08 -16.91
CA GLN A 411 -1.33 -2.40 -17.46
C GLN A 411 0.14 -2.78 -17.34
N THR A 412 0.39 -4.09 -17.41
CA THR A 412 1.74 -4.64 -17.35
C THR A 412 1.91 -5.69 -18.43
N GLY A 413 3.15 -6.04 -18.71
CA GLY A 413 3.51 -6.96 -19.77
C GLY A 413 4.78 -6.48 -20.45
N ASN A 414 5.28 -7.29 -21.39
CA ASN A 414 6.53 -6.91 -22.09
C ASN A 414 6.27 -5.63 -22.90
N ILE A 415 5.22 -5.63 -23.72
CA ILE A 415 4.97 -4.48 -24.58
C ILE A 415 4.75 -3.23 -23.75
N ALA A 416 3.96 -3.34 -22.69
CA ALA A 416 3.72 -2.19 -21.83
C ALA A 416 5.02 -1.70 -21.20
N ASP A 417 5.78 -2.61 -20.59
CA ASP A 417 6.92 -2.21 -19.78
C ASP A 417 8.14 -1.81 -20.60
N TYR A 418 8.21 -2.18 -21.88
CA TYR A 418 9.37 -1.85 -22.68
C TYR A 418 9.05 -1.06 -23.94
N ASN A 419 7.79 -0.74 -24.20
CA ASN A 419 7.43 -0.03 -25.43
C ASN A 419 6.53 1.18 -25.20
N TYR A 420 5.55 1.10 -24.29
CA TYR A 420 4.62 2.22 -24.17
C TYR A 420 3.85 2.09 -22.85
N LYS A 421 3.85 3.15 -22.05
CA LYS A 421 2.95 3.33 -20.91
C LYS A 421 1.82 4.30 -21.23
N LEU A 422 0.58 3.85 -21.08
CA LEU A 422 -0.45 4.86 -20.92
C LEU A 422 -0.44 5.37 -19.48
N PRO A 423 -0.60 6.67 -19.23
CA PRO A 423 -0.64 7.20 -17.87
C PRO A 423 -1.82 6.58 -17.08
N ASP A 424 -1.66 6.39 -15.77
CA ASP A 424 -2.66 5.71 -14.92
C ASP A 424 -4.00 6.49 -14.84
N ASP A 425 -3.94 7.81 -14.95
CA ASP A 425 -5.05 8.75 -15.10
C ASP A 425 -5.39 9.08 -16.58
N PHE A 426 -5.09 8.20 -17.54
CA PHE A 426 -5.31 8.45 -18.97
C PHE A 426 -6.74 8.90 -19.31
N THR A 427 -6.81 9.99 -20.08
CA THR A 427 -8.03 10.50 -20.71
C THR A 427 -7.93 10.44 -22.24
N GLY A 428 -8.94 9.83 -22.87
CA GLY A 428 -8.96 9.62 -24.32
C GLY A 428 -9.44 8.23 -24.70
N CYS A 429 -9.00 7.74 -25.86
CA CYS A 429 -9.45 6.47 -26.41
C CYS A 429 -8.31 5.66 -27.04
N VAL A 430 -8.45 4.34 -26.97
CA VAL A 430 -7.60 3.38 -27.68
C VAL A 430 -8.44 2.65 -28.73
N ILE A 431 -7.96 2.65 -29.97
CA ILE A 431 -8.60 2.05 -31.15
C ILE A 431 -7.66 1.02 -31.77
N ALA A 432 -8.19 -0.15 -32.14
CA ALA A 432 -7.45 -1.17 -32.86
C ALA A 432 -8.30 -1.97 -33.86
N TRP A 433 -7.61 -2.52 -34.85
CA TRP A 433 -8.13 -3.45 -35.83
C TRP A 433 -7.06 -4.45 -36.29
N ASN A 434 -7.52 -5.60 -36.77
CA ASN A 434 -6.68 -6.65 -37.31
C ASN A 434 -6.07 -6.21 -38.66
N SER A 435 -4.85 -6.66 -38.96
CA SER A 435 -4.11 -6.27 -40.19
C SER A 435 -3.54 -7.47 -40.95
N ASN A 436 -4.11 -8.67 -40.76
CA ASN A 436 -3.68 -9.93 -41.38
C ASN A 436 -3.74 -9.97 -42.92
N LYS A 437 -4.38 -8.99 -43.56
CA LYS A 437 -4.37 -8.80 -45.01
C LYS A 437 -3.16 -7.97 -45.51
N LEU A 438 -2.59 -7.09 -44.68
CA LEU A 438 -1.57 -6.12 -45.08
C LEU A 438 -0.19 -6.38 -44.45
N ASP A 439 -0.16 -6.55 -43.13
CA ASP A 439 1.05 -6.63 -42.31
C ASP A 439 1.50 -8.11 -42.07
N SER A 440 0.79 -9.11 -42.64
CA SER A 440 1.17 -10.54 -42.68
C SER A 440 1.73 -10.95 -44.05
N LYS A 441 2.85 -11.69 -44.06
CA LYS A 441 3.46 -12.26 -45.29
C LYS A 441 3.62 -13.77 -45.20
N VAL A 442 3.49 -14.43 -46.36
CA VAL A 442 3.57 -15.90 -46.51
C VAL A 442 4.89 -16.51 -46.00
N SER A 443 6.01 -15.78 -46.20
CA SER A 443 7.34 -16.25 -45.69
C SER A 443 7.81 -15.46 -44.46
N GLY A 444 6.90 -14.82 -43.72
CA GLY A 444 7.20 -14.06 -42.50
C GLY A 444 7.43 -12.56 -42.72
N ASN A 445 6.54 -11.75 -42.12
CA ASN A 445 6.71 -10.27 -42.19
C ASN A 445 7.29 -9.81 -40.84
N TYR A 446 8.59 -9.51 -40.78
CA TYR A 446 9.21 -9.14 -39.50
C TYR A 446 9.64 -7.68 -39.51
N ASN A 447 9.20 -6.91 -40.51
CA ASN A 447 9.50 -5.45 -40.52
C ASN A 447 9.15 -4.90 -39.14
N TYR A 448 8.21 -5.54 -38.44
CA TYR A 448 7.82 -5.10 -37.11
C TYR A 448 8.57 -5.85 -36.01
N LEU A 449 8.69 -5.18 -34.86
CA LEU A 449 9.78 -5.41 -33.91
C LEU A 449 9.42 -4.75 -32.56
N TYR A 450 9.62 -5.45 -31.42
CA TYR A 450 9.35 -4.93 -30.08
C TYR A 450 10.64 -4.89 -29.25
N ARG A 451 10.64 -4.05 -28.23
CA ARG A 451 11.76 -3.93 -27.31
C ARG A 451 11.68 -5.04 -26.29
N LEU A 452 12.74 -5.87 -26.20
CA LEU A 452 12.69 -7.06 -25.35
C LEU A 452 13.38 -6.83 -24.00
N PHE A 453 14.55 -6.22 -24.01
CA PHE A 453 15.34 -6.01 -22.81
C PHE A 453 15.54 -4.53 -22.55
N ARG A 454 15.57 -4.17 -21.26
CA ARG A 454 15.84 -2.80 -20.85
C ARG A 454 16.09 -2.78 -19.35
N LYS A 455 16.83 -1.77 -18.90
CA LYS A 455 17.14 -1.63 -17.48
C LYS A 455 15.91 -1.22 -16.66
N SER A 456 15.10 -0.27 -17.16
CA SER A 456 14.01 0.29 -16.39
C SER A 456 12.77 0.43 -17.26
N ASN A 457 11.65 0.75 -16.62
CA ASN A 457 10.38 0.92 -17.32
C ASN A 457 10.24 2.37 -17.81
N LEU A 458 9.36 2.54 -18.81
CA LEU A 458 9.20 3.87 -19.41
C LEU A 458 8.43 4.80 -18.49
N LYS A 459 8.62 6.10 -18.68
CA LYS A 459 7.70 7.17 -18.27
C LYS A 459 6.53 7.24 -19.27
N PRO A 460 5.35 7.77 -18.89
CA PRO A 460 4.22 7.79 -19.79
C PRO A 460 4.50 8.71 -20.98
N PHE A 461 4.11 8.22 -22.16
CA PHE A 461 4.37 8.86 -23.45
C PHE A 461 5.87 9.04 -23.84
N GLU A 462 6.81 8.39 -23.13
CA GLU A 462 8.24 8.29 -23.52
C GLU A 462 8.42 7.35 -24.73
N ARG A 463 9.40 7.71 -25.58
CA ARG A 463 9.75 6.85 -26.74
C ARG A 463 11.26 6.60 -26.71
N ASP A 464 11.69 5.33 -26.73
CA ASP A 464 13.10 4.94 -26.68
C ASP A 464 13.46 4.06 -27.89
N ILE A 465 14.17 4.67 -28.83
CA ILE A 465 14.62 4.08 -30.11
C ILE A 465 16.09 3.67 -30.11
N SER A 466 16.77 3.78 -28.97
CA SER A 466 18.18 3.41 -28.84
C SER A 466 18.43 1.95 -29.26
N THR A 467 19.60 1.69 -29.81
CA THR A 467 20.08 0.36 -30.20
C THR A 467 21.31 -0.08 -29.38
N GLU A 468 21.45 0.48 -28.17
CA GLU A 468 22.43 0.07 -27.16
C GLU A 468 22.22 -1.40 -26.76
N ILE A 469 23.26 -2.23 -26.92
CA ILE A 469 23.23 -3.66 -26.56
C ILE A 469 23.01 -3.78 -25.04
N TYR A 470 21.96 -4.49 -24.63
CA TYR A 470 21.65 -4.64 -23.22
C TYR A 470 22.72 -5.46 -22.52
N GLN A 471 23.16 -4.98 -21.35
CA GLN A 471 24.16 -5.67 -20.54
C GLN A 471 23.42 -6.41 -19.43
N ALA A 472 23.21 -7.72 -19.64
CA ALA A 472 22.50 -8.54 -18.64
C ALA A 472 23.47 -8.90 -17.51
N GLY A 473 24.75 -9.06 -17.82
CA GLY A 473 25.76 -9.39 -16.80
C GLY A 473 26.45 -8.15 -16.28
N ASN A 474 27.53 -8.33 -15.51
CA ASN A 474 28.29 -7.17 -14.97
C ASN A 474 29.39 -6.79 -15.97
N LYS A 475 29.79 -7.73 -16.82
CA LYS A 475 30.84 -7.46 -17.83
C LYS A 475 30.32 -6.44 -18.83
N PRO A 476 30.99 -5.29 -19.03
CA PRO A 476 30.56 -4.32 -20.05
C PRO A 476 30.61 -4.93 -21.44
N CYS A 477 29.63 -4.55 -22.27
CA CYS A 477 29.57 -5.10 -23.63
C CYS A 477 30.30 -4.21 -24.62
N ASN A 478 30.33 -2.90 -24.36
CA ASN A 478 30.97 -1.94 -25.29
C ASN A 478 30.27 -2.02 -26.64
N GLY A 479 28.94 -2.14 -26.63
CA GLY A 479 28.15 -2.18 -27.88
C GLY A 479 28.34 -3.49 -28.63
N VAL A 480 29.04 -4.45 -28.01
CA VAL A 480 29.30 -5.77 -28.67
C VAL A 480 28.31 -6.80 -28.11
N ALA A 481 27.83 -7.70 -28.97
CA ALA A 481 26.89 -8.75 -28.52
C ALA A 481 27.67 -9.99 -28.09
N GLY A 482 27.08 -10.82 -27.24
CA GLY A 482 27.71 -12.04 -26.76
C GLY A 482 27.02 -12.55 -25.51
N PHE A 483 27.80 -13.19 -24.65
CA PHE A 483 27.28 -13.69 -23.38
C PHE A 483 26.86 -12.52 -22.49
N ASN A 484 25.62 -12.54 -22.04
CA ASN A 484 25.00 -11.46 -21.27
C ASN A 484 25.06 -10.12 -22.01
N CYS A 485 25.06 -10.17 -23.34
CA CYS A 485 25.11 -8.98 -24.20
C CYS A 485 24.16 -9.26 -25.36
N TYR A 486 22.92 -8.82 -25.23
CA TYR A 486 21.87 -9.13 -26.19
C TYR A 486 21.28 -7.85 -26.78
N PHE A 487 20.79 -7.97 -28.00
CA PHE A 487 20.15 -6.83 -28.65
C PHE A 487 18.86 -6.51 -27.91
N PRO A 488 18.56 -5.21 -27.66
CA PRO A 488 17.35 -4.80 -26.92
C PRO A 488 16.07 -5.03 -27.71
N LEU A 489 16.13 -5.46 -28.98
CA LEU A 489 15.03 -5.54 -29.93
C LEU A 489 14.92 -6.98 -30.48
N ARG A 490 13.73 -7.58 -30.31
CA ARG A 490 13.47 -8.94 -30.85
C ARG A 490 12.47 -8.78 -31.99
N SER A 491 12.62 -9.56 -33.08
CA SER A 491 11.74 -9.36 -34.27
C SER A 491 10.41 -10.09 -34.12
N TYR A 492 9.37 -9.59 -34.80
CA TYR A 492 8.01 -10.17 -34.67
C TYR A 492 7.76 -11.21 -35.77
N SER A 493 7.29 -12.40 -35.39
CA SER A 493 6.93 -13.42 -36.39
C SER A 493 5.50 -13.17 -36.88
N PHE A 494 5.32 -12.90 -38.17
CA PHE A 494 4.00 -12.59 -38.70
C PHE A 494 3.72 -13.33 -40.02
N ARG A 495 2.73 -14.24 -39.96
CA ARG A 495 2.30 -15.01 -41.15
C ARG A 495 0.76 -15.05 -41.14
N PRO A 496 0.07 -15.10 -42.31
CA PRO A 496 -1.39 -15.03 -42.38
C PRO A 496 -2.11 -16.21 -41.71
N THR A 497 -1.43 -17.34 -41.58
CA THR A 497 -1.87 -18.59 -40.94
C THR A 497 -1.60 -18.65 -39.42
N TYR A 498 -1.01 -17.59 -38.88
CA TYR A 498 -0.70 -17.53 -37.41
C TYR A 498 -1.97 -17.32 -36.60
N GLY A 499 -2.03 -17.89 -35.38
CA GLY A 499 -3.16 -17.64 -34.48
C GLY A 499 -3.45 -16.16 -34.30
N VAL A 500 -4.71 -15.77 -34.11
CA VAL A 500 -5.14 -14.36 -33.92
C VAL A 500 -4.44 -13.62 -32.76
N GLY A 501 -4.09 -14.33 -31.70
CA GLY A 501 -3.37 -13.69 -30.58
C GLY A 501 -1.97 -13.28 -30.99
N HIS A 502 -1.55 -13.66 -32.20
CA HIS A 502 -0.17 -13.35 -32.65
C HIS A 502 -0.20 -12.60 -33.98
N GLN A 503 -1.36 -12.57 -34.65
CA GLN A 503 -1.50 -11.83 -35.93
C GLN A 503 -1.20 -10.35 -35.70
N PRO A 504 -0.77 -9.57 -36.72
CA PRO A 504 -0.53 -8.15 -36.56
C PRO A 504 -1.85 -7.37 -36.38
N TYR A 505 -1.82 -6.38 -35.49
CA TYR A 505 -2.88 -5.39 -35.27
C TYR A 505 -2.28 -4.00 -35.31
N ARG A 506 -3.05 -3.08 -35.88
CA ARG A 506 -2.75 -1.66 -35.88
C ARG A 506 -3.49 -0.99 -34.73
N VAL A 507 -2.75 -0.24 -33.91
CA VAL A 507 -3.26 0.56 -32.80
C VAL A 507 -2.90 2.03 -33.05
N VAL A 508 -3.86 2.93 -32.83
CA VAL A 508 -3.63 4.39 -32.94
C VAL A 508 -4.18 5.08 -31.70
N VAL A 509 -3.39 5.20 -30.64
CA VAL A 509 -3.88 5.80 -29.40
C VAL A 509 -4.13 7.30 -29.61
N LEU A 510 -5.28 7.79 -29.17
CA LEU A 510 -5.65 9.20 -29.23
C LEU A 510 -5.75 9.80 -27.81
N SER A 511 -4.96 10.83 -27.55
CA SER A 511 -4.97 11.61 -26.31
C SER A 511 -5.39 13.05 -26.57
N PHE A 512 -5.94 13.69 -25.52
CA PHE A 512 -6.44 15.06 -25.52
C PHE A 512 -5.69 15.86 -24.45
N GLU A 513 -5.28 17.09 -24.76
CA GLU A 513 -4.50 17.96 -23.87
C GLU A 513 -5.08 19.39 -23.82
N LEU A 514 -5.06 20.05 -22.65
CA LEU A 514 -5.50 21.44 -22.46
C LEU A 514 -4.41 22.32 -21.86
N LEU A 515 -4.00 23.30 -22.68
CA LEU A 515 -3.00 24.32 -22.36
C LEU A 515 -3.60 25.73 -22.48
N HIS A 516 -2.80 26.75 -22.14
CA HIS A 516 -3.15 28.18 -22.34
C HIS A 516 -3.24 28.60 -23.83
N ALA A 517 -2.57 27.86 -24.72
CA ALA A 517 -2.60 28.10 -26.16
C ALA A 517 -4.01 27.87 -26.75
N PRO A 518 -4.35 28.47 -27.91
CA PRO A 518 -5.69 28.36 -28.49
C PRO A 518 -6.21 26.92 -28.62
N ALA A 519 -7.47 26.68 -28.23
CA ALA A 519 -8.14 25.39 -28.42
C ALA A 519 -8.67 25.27 -29.86
N THR A 520 -7.99 24.46 -30.69
CA THR A 520 -8.19 24.43 -32.15
C THR A 520 -8.81 23.14 -32.71
N VAL A 521 -8.80 22.05 -31.95
CA VAL A 521 -9.28 20.72 -32.36
C VAL A 521 -10.75 20.60 -31.96
N CYS A 522 -11.61 21.34 -32.66
CA CYS A 522 -13.05 21.27 -32.40
C CYS A 522 -13.72 20.08 -33.09
N GLY A 523 -14.81 19.59 -32.51
CA GLY A 523 -15.73 18.63 -33.12
C GLY A 523 -16.61 19.24 -34.24
N PRO A 524 -17.42 18.44 -34.95
CA PRO A 524 -18.14 18.86 -36.16
C PRO A 524 -19.23 19.91 -35.93
N LYS A 525 -19.87 19.91 -34.76
CA LYS A 525 -20.96 20.83 -34.38
C LYS A 525 -22.11 20.77 -35.42
N ASN B 328 4.21 37.88 21.94
CA ASN B 328 5.68 37.69 21.79
C ASN B 328 6.11 36.44 22.58
N ILE B 329 6.23 35.30 21.91
CA ILE B 329 6.55 34.02 22.59
C ILE B 329 7.21 33.10 21.55
N THR B 330 8.22 32.30 21.94
CA THR B 330 8.99 31.47 20.99
C THR B 330 9.32 30.10 21.62
N ASN B 331 8.32 29.24 21.75
CA ASN B 331 8.41 27.94 22.41
C ASN B 331 7.29 27.02 21.87
N LEU B 332 7.66 26.00 21.10
CA LEU B 332 6.69 25.04 20.55
C LEU B 332 5.93 24.33 21.67
N CYS B 333 4.62 24.16 21.49
CA CYS B 333 3.77 23.45 22.43
C CYS B 333 3.59 21.96 22.03
N PRO B 334 3.10 21.11 22.95
CA PRO B 334 3.07 19.65 22.79
C PRO B 334 1.99 19.10 21.83
N PHE B 335 1.77 19.80 20.71
CA PHE B 335 0.80 19.31 19.71
C PHE B 335 1.22 17.91 19.27
N ASP B 336 2.43 17.79 18.73
CA ASP B 336 2.95 16.47 18.31
C ASP B 336 2.68 15.41 19.38
N GLU B 337 2.98 15.72 20.64
CA GLU B 337 2.69 14.78 21.75
C GLU B 337 1.23 14.34 21.65
N VAL B 338 0.31 15.29 21.80
CA VAL B 338 -1.16 14.99 21.70
C VAL B 338 -1.42 14.07 20.51
N PHE B 339 -0.58 14.15 19.47
CA PHE B 339 -0.80 13.35 18.26
C PHE B 339 -0.01 12.04 18.27
N ASN B 340 1.26 12.09 18.68
CA ASN B 340 2.11 10.92 18.85
C ASN B 340 1.94 10.23 20.22
N ALA B 341 0.87 10.54 20.98
CA ALA B 341 0.67 9.93 22.30
C ALA B 341 0.59 8.41 22.13
N THR B 342 1.25 7.68 23.04
CA THR B 342 1.39 6.24 22.84
C THR B 342 0.00 5.58 22.81
N ARG B 343 -0.85 5.89 23.80
CA ARG B 343 -2.16 5.28 24.05
C ARG B 343 -3.20 6.39 24.19
N PHE B 344 -4.16 6.44 23.26
CA PHE B 344 -5.36 7.26 23.42
C PHE B 344 -6.31 6.61 24.42
N ALA B 345 -7.12 7.42 25.08
CA ALA B 345 -8.16 6.95 25.97
C ALA B 345 -9.42 6.56 25.18
N SER B 346 -10.25 5.72 25.78
CA SER B 346 -11.61 5.42 25.30
C SER B 346 -12.46 6.67 25.11
N VAL B 347 -13.42 6.61 24.18
CA VAL B 347 -14.34 7.74 23.92
C VAL B 347 -15.40 8.01 24.98
N TYR B 348 -15.56 7.18 26.02
CA TYR B 348 -16.35 7.56 27.20
C TYR B 348 -15.53 8.42 28.20
N ALA B 349 -14.20 8.41 28.08
CA ALA B 349 -13.25 9.06 29.00
C ALA B 349 -12.15 9.85 28.25
N TRP B 350 -12.47 10.41 27.08
CA TRP B 350 -11.61 11.25 26.23
C TRP B 350 -10.83 12.31 27.02
N ASN B 351 -9.52 12.43 26.73
CA ASN B 351 -8.67 13.39 27.42
C ASN B 351 -8.96 14.82 26.92
N ARG B 352 -8.49 15.83 27.67
CA ARG B 352 -8.61 17.26 27.30
C ARG B 352 -7.36 18.02 27.71
N LYS B 353 -6.48 18.36 26.77
CA LYS B 353 -5.24 19.13 27.06
C LYS B 353 -5.46 20.63 26.82
N ARG B 354 -5.10 21.45 27.82
CA ARG B 354 -5.01 22.91 27.75
C ARG B 354 -3.72 23.30 27.04
N ILE B 355 -3.82 23.74 25.80
CA ILE B 355 -2.70 24.31 25.04
C ILE B 355 -2.66 25.82 25.32
N SER B 356 -1.49 26.31 25.71
CA SER B 356 -1.22 27.70 26.12
C SER B 356 0.24 28.00 25.85
N ASN B 357 0.59 29.26 25.61
CA ASN B 357 1.95 29.74 25.39
C ASN B 357 2.62 29.03 24.19
N CYS B 358 1.85 28.78 23.12
CA CYS B 358 2.25 28.04 21.91
C CYS B 358 2.55 28.98 20.73
N VAL B 359 3.41 28.52 19.80
CA VAL B 359 3.62 29.16 18.47
C VAL B 359 2.78 28.53 17.34
N ALA B 360 1.93 27.56 17.69
CA ALA B 360 0.90 26.97 16.83
C ALA B 360 1.38 26.66 15.38
N ASP B 361 2.50 25.92 15.26
CA ASP B 361 3.00 25.47 13.96
C ASP B 361 2.13 24.31 13.44
N TYR B 362 1.04 24.67 12.77
CA TYR B 362 0.12 23.72 12.16
C TYR B 362 0.72 23.00 10.93
N SER B 363 1.91 23.39 10.45
CA SER B 363 2.56 22.72 9.32
C SER B 363 2.83 21.24 9.62
N VAL B 364 3.22 20.91 10.86
CA VAL B 364 3.43 19.54 11.37
C VAL B 364 2.25 18.59 11.09
N LEU B 365 1.01 19.08 11.20
CA LEU B 365 -0.18 18.25 11.05
C LEU B 365 -0.40 17.82 9.59
N TYR B 366 -0.59 18.77 8.66
CA TYR B 366 -0.80 18.46 7.22
C TYR B 366 0.50 18.30 6.41
N ASN B 367 1.68 18.30 7.05
CA ASN B 367 2.95 17.84 6.48
C ASN B 367 3.24 16.35 6.79
N LEU B 368 2.75 15.84 7.92
CA LEU B 368 2.89 14.41 8.27
C LEU B 368 2.01 13.50 7.39
N ALA B 369 2.42 12.24 7.24
CA ALA B 369 2.08 11.42 6.07
C ALA B 369 0.59 11.09 5.83
N PRO B 370 -0.10 10.55 6.84
CA PRO B 370 -1.45 9.98 6.70
C PRO B 370 -2.56 10.96 7.08
N PHE B 371 -2.67 11.27 8.38
CA PHE B 371 -3.33 12.45 9.01
C PHE B 371 -4.58 12.96 8.27
N PHE B 372 -5.45 12.02 7.94
CA PHE B 372 -6.46 12.17 6.91
C PHE B 372 -7.67 12.98 7.42
N THR B 373 -8.61 13.25 6.52
CA THR B 373 -9.83 14.04 6.89
C THR B 373 -9.45 15.24 7.78
N PHE B 374 -8.62 16.16 7.27
CA PHE B 374 -8.32 17.40 8.04
C PHE B 374 -9.48 18.37 7.85
N LYS B 375 -10.56 18.18 8.62
CA LYS B 375 -11.77 18.98 8.44
C LYS B 375 -11.84 20.04 9.53
N CYS B 376 -11.80 21.29 9.10
CA CYS B 376 -12.07 22.43 9.95
C CYS B 376 -13.48 23.00 9.73
N TYR B 377 -14.00 23.64 10.78
CA TYR B 377 -15.36 24.24 10.72
C TYR B 377 -15.25 25.70 11.18
N GLY B 378 -15.67 26.65 10.33
CA GLY B 378 -15.53 28.07 10.69
C GLY B 378 -14.09 28.53 10.47
N VAL B 379 -13.21 27.61 10.06
CA VAL B 379 -11.79 27.94 9.80
C VAL B 379 -11.32 27.10 8.62
N SER B 380 -10.29 27.56 7.89
CA SER B 380 -9.75 26.72 6.79
C SER B 380 -8.40 26.12 7.25
N PRO B 381 -8.01 24.89 6.82
CA PRO B 381 -6.73 24.26 7.19
C PRO B 381 -5.46 25.09 6.88
N THR B 382 -5.47 25.85 5.78
CA THR B 382 -4.32 26.72 5.41
C THR B 382 -4.27 28.04 6.20
N LYS B 383 -5.42 28.45 6.75
CA LYS B 383 -5.48 29.72 7.52
C LYS B 383 -5.27 29.42 9.00
N LEU B 384 -4.33 28.52 9.32
CA LEU B 384 -4.04 28.18 10.73
C LEU B 384 -2.67 28.74 11.12
N ASN B 385 -2.26 29.85 10.51
CA ASN B 385 -0.90 30.39 10.78
C ASN B 385 -0.98 31.92 10.82
N ASP B 386 -2.15 32.49 10.47
CA ASP B 386 -2.37 33.97 10.55
C ASP B 386 -3.44 34.24 11.61
N LEU B 387 -3.52 33.38 12.64
CA LEU B 387 -4.51 33.49 13.72
C LEU B 387 -3.83 33.55 15.09
N CYS B 388 -4.59 34.07 16.07
CA CYS B 388 -4.26 34.10 17.48
C CYS B 388 -5.48 33.65 18.30
N PHE B 389 -5.50 32.37 18.68
CA PHE B 389 -6.60 31.77 19.44
C PHE B 389 -6.43 32.03 20.95
N THR B 390 -7.53 32.09 21.69
CA THR B 390 -7.55 32.42 23.13
C THR B 390 -7.05 31.25 23.99
N ASN B 391 -7.60 30.06 23.76
CA ASN B 391 -7.38 28.83 24.53
C ASN B 391 -7.64 27.58 23.67
N VAL B 392 -6.60 27.06 23.00
CA VAL B 392 -6.71 25.78 22.28
C VAL B 392 -6.88 24.62 23.26
N TYR B 393 -7.90 23.81 22.99
CA TYR B 393 -8.22 22.56 23.64
C TYR B 393 -8.00 21.42 22.64
N ALA B 394 -7.18 20.44 23.02
CA ALA B 394 -7.01 19.20 22.26
C ALA B 394 -7.67 18.04 22.99
N ASP B 395 -8.74 17.49 22.41
CA ASP B 395 -9.45 16.32 22.91
C ASP B 395 -9.06 15.07 22.12
N SER B 396 -8.37 14.09 22.73
CA SER B 396 -7.91 12.86 22.06
C SER B 396 -8.68 11.61 22.51
N PHE B 397 -9.07 10.79 21.52
CA PHE B 397 -9.77 9.53 21.74
C PHE B 397 -9.70 8.60 20.51
N VAL B 398 -10.37 7.45 20.59
CA VAL B 398 -10.44 6.43 19.55
C VAL B 398 -11.89 5.96 19.42
N ILE B 399 -12.35 5.86 18.17
CA ILE B 399 -13.70 5.45 17.79
C ILE B 399 -13.64 4.47 16.61
N ARG B 400 -14.79 3.92 16.22
CA ARG B 400 -14.91 3.10 15.01
C ARG B 400 -14.82 3.98 13.75
N GLY B 401 -14.42 3.37 12.63
CA GLY B 401 -14.32 4.07 11.34
C GLY B 401 -15.63 4.66 10.80
N ASP B 402 -16.76 3.95 10.88
CA ASP B 402 -18.10 4.49 10.51
C ASP B 402 -18.54 5.71 11.33
N GLU B 403 -17.98 5.89 12.53
CA GLU B 403 -18.48 6.99 13.42
C GLU B 403 -17.69 8.29 13.21
N VAL B 404 -16.58 8.22 12.46
CA VAL B 404 -15.71 9.40 12.24
C VAL B 404 -16.46 10.64 11.73
N ARG B 405 -17.51 10.42 10.94
CA ARG B 405 -18.48 11.42 10.44
C ARG B 405 -19.43 12.01 11.49
N GLN B 406 -19.65 11.30 12.61
CA GLN B 406 -20.52 11.74 13.70
C GLN B 406 -19.78 12.67 14.68
N ILE B 407 -18.44 12.71 14.56
CA ILE B 407 -17.62 13.70 15.34
C ILE B 407 -17.65 14.99 14.54
N ALA B 408 -18.79 15.67 14.52
CA ALA B 408 -19.04 16.89 13.77
C ALA B 408 -20.20 17.69 14.40
N PRO B 409 -20.32 19.00 14.10
CA PRO B 409 -21.45 19.82 14.54
C PRO B 409 -22.77 19.27 13.97
N GLY B 410 -23.86 19.39 14.73
CA GLY B 410 -25.20 18.98 14.25
C GLY B 410 -25.35 17.51 13.83
N GLN B 411 -24.53 16.59 14.36
CA GLN B 411 -24.68 15.14 14.17
C GLN B 411 -25.33 14.43 15.37
N THR B 412 -26.07 13.35 15.09
CA THR B 412 -26.71 12.57 16.18
C THR B 412 -26.80 11.09 15.78
N GLY B 413 -26.29 10.19 16.62
CA GLY B 413 -26.36 8.74 16.35
C GLY B 413 -26.11 7.93 17.62
N ASN B 414 -24.98 7.24 17.69
CA ASN B 414 -24.62 6.46 18.90
C ASN B 414 -23.45 7.05 19.68
N ILE B 415 -22.45 7.56 18.95
CA ILE B 415 -21.19 8.07 19.50
C ILE B 415 -21.35 9.50 20.07
N ALA B 416 -21.94 10.39 19.27
CA ALA B 416 -22.09 11.80 19.59
C ALA B 416 -23.20 12.08 20.61
N ASP B 417 -24.15 11.16 20.78
CA ASP B 417 -25.27 11.30 21.72
C ASP B 417 -24.87 11.12 23.18
N TYR B 418 -24.00 10.15 23.51
CA TYR B 418 -23.71 9.80 24.91
C TYR B 418 -22.23 9.74 25.30
N ASN B 419 -21.28 9.99 24.39
CA ASN B 419 -19.84 9.91 24.69
C ASN B 419 -19.05 11.18 24.33
N TYR B 420 -19.29 11.76 23.15
CA TYR B 420 -18.64 13.01 22.73
C TYR B 420 -19.53 13.87 21.80
N LYS B 421 -20.36 14.72 22.40
CA LYS B 421 -21.15 15.70 21.65
C LYS B 421 -20.29 16.93 21.30
N LEU B 422 -20.08 17.20 20.01
CA LEU B 422 -19.72 18.54 19.54
C LEU B 422 -20.93 19.49 19.60
N PRO B 423 -20.72 20.78 19.96
CA PRO B 423 -21.76 21.80 19.89
C PRO B 423 -22.14 22.08 18.43
N ASP B 424 -23.28 22.73 18.25
CA ASP B 424 -23.82 23.09 16.94
C ASP B 424 -23.00 24.22 16.28
N ASP B 425 -22.48 25.13 17.11
CA ASP B 425 -21.59 26.25 16.78
C ASP B 425 -20.12 25.97 17.19
N PHE B 426 -19.53 24.93 16.60
CA PHE B 426 -18.12 24.57 16.79
C PHE B 426 -17.19 25.30 15.80
N THR B 427 -16.17 25.98 16.33
CA THR B 427 -15.02 26.51 15.60
C THR B 427 -13.75 25.76 16.01
N GLY B 428 -13.20 25.00 15.06
CA GLY B 428 -12.18 24.01 15.37
C GLY B 428 -11.83 23.12 14.18
N CYS B 429 -10.96 22.15 14.43
CA CYS B 429 -10.58 21.13 13.44
C CYS B 429 -10.68 19.72 14.04
N VAL B 430 -11.49 18.89 13.42
CA VAL B 430 -11.54 17.44 13.66
C VAL B 430 -10.55 16.78 12.69
N ILE B 431 -9.65 15.97 13.23
CA ILE B 431 -8.60 15.26 12.49
C ILE B 431 -8.69 13.80 12.90
N ALA B 432 -8.64 12.88 11.94
CA ALA B 432 -8.67 11.46 12.23
C ALA B 432 -7.79 10.67 11.26
N TRP B 433 -7.22 9.58 11.75
CA TRP B 433 -6.44 8.69 10.91
C TRP B 433 -6.68 7.25 11.33
N ASN B 434 -6.63 6.36 10.35
CA ASN B 434 -6.79 4.93 10.58
C ASN B 434 -5.68 4.46 11.51
N SER B 435 -6.04 3.86 12.64
CA SER B 435 -5.12 3.26 13.59
C SER B 435 -5.29 1.75 13.69
N ASN B 436 -5.74 1.09 12.60
CA ASN B 436 -5.81 -0.38 12.54
C ASN B 436 -4.46 -1.04 12.79
N LYS B 437 -3.37 -0.51 12.23
CA LYS B 437 -2.01 -0.97 12.52
C LYS B 437 -1.63 -0.82 14.01
N LEU B 438 -2.37 -0.07 14.83
CA LEU B 438 -1.91 0.29 16.17
C LEU B 438 -2.84 -0.12 17.30
N ASP B 439 -4.15 -0.13 17.09
CA ASP B 439 -5.10 -0.40 18.17
C ASP B 439 -5.93 -1.64 17.87
N SER B 440 -5.28 -2.71 17.39
CA SER B 440 -5.99 -3.89 16.94
C SER B 440 -5.33 -5.14 17.50
N LYS B 441 -6.11 -5.95 18.21
CA LYS B 441 -5.65 -7.22 18.77
C LYS B 441 -6.24 -8.34 17.94
N VAL B 442 -5.39 -9.27 17.51
CA VAL B 442 -5.92 -10.40 16.78
C VAL B 442 -6.56 -11.42 17.71
N SER B 443 -6.25 -11.33 19.00
CA SER B 443 -6.93 -12.15 19.99
C SER B 443 -8.18 -11.48 20.51
N GLY B 444 -8.50 -10.31 19.94
CA GLY B 444 -9.64 -9.55 20.39
C GLY B 444 -9.27 -8.44 21.36
N ASN B 445 -9.68 -7.21 21.07
CA ASN B 445 -9.34 -6.05 21.87
C ASN B 445 -10.48 -5.72 22.81
N TYR B 446 -10.18 -5.66 24.11
CA TYR B 446 -11.20 -5.42 25.12
C TYR B 446 -10.72 -4.34 26.10
N ASN B 447 -10.18 -3.24 25.56
CA ASN B 447 -9.79 -2.11 26.40
C ASN B 447 -10.22 -0.75 25.86
N TYR B 448 -10.75 -0.68 24.64
CA TYR B 448 -11.27 0.55 24.07
C TYR B 448 -12.79 0.50 24.11
N LEU B 449 -13.28 0.69 25.32
CA LEU B 449 -14.69 0.79 25.69
C LEU B 449 -15.34 2.02 25.04
N TYR B 450 -16.64 1.94 24.83
CA TYR B 450 -17.55 3.06 24.58
C TYR B 450 -18.86 2.79 25.33
N ARG B 451 -19.62 3.87 25.58
CA ARG B 451 -20.87 3.75 26.37
C ARG B 451 -22.04 3.37 25.45
N LEU B 452 -22.79 2.36 25.84
CA LEU B 452 -23.97 1.90 25.08
C LEU B 452 -25.25 2.55 25.57
N PHE B 453 -25.49 2.54 26.88
CA PHE B 453 -26.75 3.01 27.48
C PHE B 453 -26.55 4.21 28.42
N ARG B 454 -27.44 5.19 28.29
CA ARG B 454 -27.50 6.48 28.98
C ARG B 454 -28.91 7.07 28.75
N LYS B 455 -29.55 7.59 29.80
CA LYS B 455 -30.96 8.08 29.77
C LYS B 455 -31.28 9.23 28.81
N SER B 456 -30.30 10.07 28.51
CA SER B 456 -30.48 11.32 27.74
C SER B 456 -29.14 11.75 27.15
N ASN B 457 -29.16 12.58 26.12
CA ASN B 457 -27.98 13.07 25.42
C ASN B 457 -27.00 13.81 26.36
N LEU B 458 -25.73 13.82 25.99
CA LEU B 458 -24.73 14.70 26.58
C LEU B 458 -24.82 16.10 25.96
N LYS B 459 -24.79 17.11 26.83
CA LYS B 459 -24.46 18.48 26.48
C LYS B 459 -23.02 18.56 25.91
N PRO B 460 -22.68 19.57 25.10
CA PRO B 460 -21.33 19.67 24.53
C PRO B 460 -20.21 19.65 25.57
N PHE B 461 -19.12 18.94 25.23
CA PHE B 461 -17.91 18.74 26.06
C PHE B 461 -18.20 18.22 27.49
N GLU B 462 -19.01 17.18 27.60
CA GLU B 462 -19.27 16.46 28.85
C GLU B 462 -18.55 15.10 28.88
N ARG B 463 -17.72 14.86 29.92
CA ARG B 463 -17.05 13.57 30.16
C ARG B 463 -17.92 12.74 31.09
N ASP B 464 -18.39 11.59 30.61
CA ASP B 464 -19.19 10.66 31.39
C ASP B 464 -18.38 9.40 31.70
N ILE B 465 -17.53 9.50 32.73
CA ILE B 465 -16.80 8.37 33.35
C ILE B 465 -17.66 7.55 34.32
N SER B 466 -18.98 7.78 34.39
CA SER B 466 -19.83 7.05 35.34
C SER B 466 -19.84 5.55 35.00
N THR B 467 -19.42 4.74 35.97
CA THR B 467 -19.44 3.27 35.89
C THR B 467 -20.77 2.69 36.43
N GLU B 468 -21.65 3.57 36.93
CA GLU B 468 -22.97 3.23 37.48
C GLU B 468 -23.80 2.43 36.47
N ILE B 469 -24.29 1.28 36.90
CA ILE B 469 -25.17 0.39 36.13
C ILE B 469 -26.50 1.06 35.78
N TYR B 470 -27.06 0.64 34.66
CA TYR B 470 -28.26 1.24 34.08
C TYR B 470 -29.41 0.23 34.00
N GLN B 471 -30.57 0.62 34.52
CA GLN B 471 -31.77 -0.21 34.54
C GLN B 471 -32.53 -0.13 33.19
N ALA B 472 -32.53 -1.24 32.45
CA ALA B 472 -33.33 -1.39 31.21
C ALA B 472 -34.60 -2.26 31.40
N GLY B 473 -34.67 -3.02 32.49
CA GLY B 473 -35.81 -3.89 32.83
C GLY B 473 -36.61 -3.37 34.02
N ASN B 474 -37.71 -4.04 34.36
CA ASN B 474 -38.49 -3.77 35.57
C ASN B 474 -37.79 -4.19 36.87
N LYS B 475 -36.80 -5.08 36.82
CA LYS B 475 -36.04 -5.52 38.01
C LYS B 475 -35.02 -4.45 38.39
N PRO B 476 -35.01 -3.93 39.65
CA PRO B 476 -33.96 -3.04 40.14
C PRO B 476 -32.58 -3.73 40.16
N CYS B 477 -31.52 -3.05 39.69
CA CYS B 477 -30.20 -3.67 39.53
C CYS B 477 -29.41 -3.84 40.84
N ASN B 478 -29.68 -3.06 41.90
CA ASN B 478 -29.17 -3.30 43.27
C ASN B 478 -27.64 -3.54 43.42
N GLY B 479 -26.82 -2.96 42.53
CA GLY B 479 -25.37 -3.19 42.49
C GLY B 479 -24.91 -4.50 41.85
N VAL B 480 -25.80 -5.27 41.23
CA VAL B 480 -25.49 -6.56 40.58
C VAL B 480 -25.79 -6.49 39.07
N ALA B 481 -24.81 -6.86 38.25
CA ALA B 481 -24.97 -6.99 36.79
C ALA B 481 -25.77 -8.26 36.43
N GLY B 482 -26.48 -8.25 35.30
CA GLY B 482 -27.28 -9.40 34.88
C GLY B 482 -28.18 -9.12 33.69
N PHE B 483 -29.21 -9.96 33.53
CA PHE B 483 -30.22 -9.78 32.49
C PHE B 483 -31.00 -8.47 32.71
N ASN B 484 -31.01 -7.58 31.70
CA ASN B 484 -31.49 -6.19 31.77
C ASN B 484 -30.75 -5.25 32.75
N CYS B 485 -29.62 -5.66 33.31
CA CYS B 485 -28.75 -4.88 34.20
C CYS B 485 -27.32 -4.85 33.66
N TYR B 486 -27.15 -4.12 32.57
CA TYR B 486 -25.92 -4.07 31.78
C TYR B 486 -24.86 -3.20 32.45
N PHE B 487 -23.59 -3.58 32.31
CA PHE B 487 -22.51 -2.60 32.39
C PHE B 487 -22.67 -1.59 31.24
N PRO B 488 -22.72 -0.27 31.48
CA PRO B 488 -22.95 0.71 30.42
C PRO B 488 -21.80 0.79 29.41
N LEU B 489 -20.62 0.24 29.76
CA LEU B 489 -19.39 0.31 28.96
C LEU B 489 -19.01 -1.07 28.42
N ARG B 490 -18.67 -1.13 27.13
CA ARG B 490 -18.11 -2.34 26.50
C ARG B 490 -17.22 -1.97 25.31
N SER B 491 -16.21 -2.81 25.03
CA SER B 491 -15.26 -2.58 23.93
C SER B 491 -15.85 -3.03 22.60
N TYR B 492 -15.47 -2.38 21.50
CA TYR B 492 -15.84 -2.84 20.17
C TYR B 492 -15.21 -4.18 19.81
N SER B 493 -13.96 -4.40 20.20
CA SER B 493 -13.23 -5.55 19.70
C SER B 493 -12.59 -5.16 18.39
N PHE B 494 -11.26 -5.24 18.28
CA PHE B 494 -10.53 -4.71 17.13
C PHE B 494 -9.61 -5.80 16.59
N ARG B 495 -10.08 -6.58 15.61
CA ARG B 495 -9.18 -7.57 14.97
C ARG B 495 -8.61 -6.93 13.70
N PRO B 496 -7.34 -7.20 13.29
CA PRO B 496 -6.85 -6.61 12.02
C PRO B 496 -7.71 -7.00 10.80
N THR B 497 -8.37 -8.16 10.84
CA THR B 497 -9.17 -8.66 9.74
C THR B 497 -10.57 -8.10 9.71
N TYR B 498 -10.80 -7.04 10.50
CA TYR B 498 -12.15 -6.45 10.54
C TYR B 498 -12.29 -5.53 9.35
N GLY B 499 -13.51 -5.35 8.89
CA GLY B 499 -13.72 -4.57 7.65
C GLY B 499 -13.09 -3.19 7.72
N VAL B 500 -12.53 -2.72 6.61
CA VAL B 500 -11.95 -1.38 6.58
C VAL B 500 -12.95 -0.35 7.09
N GLY B 501 -14.24 -0.67 7.03
CA GLY B 501 -15.25 0.25 7.53
C GLY B 501 -15.12 0.51 9.02
N HIS B 502 -14.86 -0.53 9.80
CA HIS B 502 -14.93 -0.35 11.28
C HIS B 502 -13.57 -0.48 12.02
N GLN B 503 -12.44 -0.51 11.31
CA GLN B 503 -11.18 -0.57 12.03
C GLN B 503 -11.09 0.63 12.97
N PRO B 504 -10.30 0.54 14.06
CA PRO B 504 -10.12 1.64 14.98
C PRO B 504 -9.52 2.86 14.27
N TYR B 505 -10.20 4.00 14.44
CA TYR B 505 -9.75 5.30 14.00
C TYR B 505 -9.40 6.13 15.23
N ARG B 506 -8.13 6.52 15.33
CA ARG B 506 -7.71 7.57 16.24
C ARG B 506 -8.25 8.91 15.76
N VAL B 507 -8.76 9.69 16.70
CA VAL B 507 -9.33 11.01 16.46
C VAL B 507 -8.72 11.97 17.46
N VAL B 508 -8.46 13.19 16.99
CA VAL B 508 -8.26 14.34 17.86
C VAL B 508 -9.14 15.49 17.39
N VAL B 509 -9.62 16.26 18.36
CA VAL B 509 -10.49 17.39 18.11
C VAL B 509 -9.85 18.63 18.71
N LEU B 510 -9.50 19.57 17.85
CA LEU B 510 -8.97 20.87 18.22
C LEU B 510 -10.11 21.88 18.28
N SER B 511 -10.59 22.11 19.50
CA SER B 511 -11.48 23.22 19.84
C SER B 511 -10.63 24.47 20.08
N PHE B 512 -11.13 25.65 19.71
CA PHE B 512 -10.56 26.93 20.12
C PHE B 512 -11.56 28.05 19.95
N GLU B 513 -11.39 29.13 20.72
CA GLU B 513 -12.20 30.34 20.56
C GLU B 513 -11.38 31.44 19.86
N LEU B 514 -12.07 32.30 19.10
CA LEU B 514 -11.33 33.27 18.25
C LEU B 514 -10.90 34.54 18.98
N LEU B 515 -11.50 35.68 18.64
CA LEU B 515 -11.01 36.97 19.21
C LEU B 515 -11.96 37.54 20.27
N HIS B 516 -11.67 37.32 21.55
CA HIS B 516 -12.45 37.93 22.64
C HIS B 516 -11.58 38.31 23.86
N ALA B 517 -10.32 37.89 23.89
CA ALA B 517 -9.42 37.90 25.05
C ALA B 517 -7.94 37.99 24.62
N PRO B 518 -6.98 38.27 25.54
CA PRO B 518 -5.56 38.17 25.25
C PRO B 518 -5.19 36.74 24.80
N ALA B 519 -4.77 36.59 23.55
CA ALA B 519 -4.41 35.31 22.96
C ALA B 519 -3.12 34.72 23.58
N THR B 520 -3.15 33.44 23.93
CA THR B 520 -1.98 32.70 24.48
C THR B 520 -1.34 31.75 23.48
N VAL B 521 -1.98 31.57 22.32
CA VAL B 521 -1.44 30.82 21.19
C VAL B 521 -1.62 31.68 19.94
N CYS B 522 -0.58 31.75 19.11
CA CYS B 522 -0.58 32.48 17.85
C CYS B 522 0.24 31.70 16.83
N GLY B 523 -0.11 31.80 15.54
CA GLY B 523 0.67 31.21 14.46
C GLY B 523 2.07 31.84 14.28
N PRO B 524 2.99 31.19 13.55
CA PRO B 524 4.37 31.67 13.37
C PRO B 524 4.40 32.97 12.55
N LYS B 525 4.72 34.10 13.19
CA LYS B 525 4.74 35.42 12.51
C LYS B 525 5.67 36.43 13.18
N GLU C 1 16.19 3.77 8.13
CA GLU C 1 15.93 2.36 8.52
C GLU C 1 16.37 2.15 9.98
N VAL C 2 15.53 1.50 10.79
CA VAL C 2 15.93 1.18 12.19
C VAL C 2 16.94 0.03 12.13
N GLN C 3 18.03 0.14 12.89
CA GLN C 3 19.03 -0.96 12.92
C GLN C 3 18.64 -1.97 14.00
N LEU C 4 19.04 -3.22 13.86
CA LEU C 4 18.79 -4.20 14.93
C LEU C 4 20.07 -5.00 15.22
N LEU C 5 20.50 -5.05 16.48
CA LEU C 5 21.70 -5.77 16.95
C LEU C 5 21.26 -7.04 17.69
N ASP C 6 21.20 -8.15 16.96
CA ASP C 6 20.99 -9.48 17.53
C ASP C 6 22.28 -9.97 18.22
N SER C 7 22.24 -10.31 19.52
CA SER C 7 23.39 -10.74 20.34
C SER C 7 22.98 -11.72 21.45
N GLY C 8 23.86 -12.69 21.77
CA GLY C 8 23.66 -13.67 22.86
C GLY C 8 23.62 -15.14 22.41
N GLY C 9 23.84 -15.40 21.11
CA GLY C 9 24.04 -16.75 20.56
C GLY C 9 25.28 -17.46 21.14
N GLY C 10 25.25 -18.79 21.14
CA GLY C 10 26.29 -19.62 21.74
C GLY C 10 25.99 -21.12 21.66
N LEU C 11 26.81 -21.92 22.34
CA LEU C 11 26.65 -23.36 22.49
C LEU C 11 26.10 -23.67 23.90
N VAL C 12 24.99 -24.41 23.99
CA VAL C 12 24.35 -24.80 25.26
C VAL C 12 23.93 -26.27 25.20
N GLN C 13 24.22 -27.02 26.26
CA GLN C 13 23.89 -28.45 26.33
C GLN C 13 22.36 -28.66 26.41
N PRO C 14 21.81 -29.77 25.88
CA PRO C 14 20.38 -30.08 25.99
C PRO C 14 19.92 -30.07 27.46
N GLY C 15 18.77 -29.46 27.71
CA GLY C 15 18.29 -29.17 29.07
C GLY C 15 18.85 -27.89 29.71
N GLY C 16 19.78 -27.17 29.06
CA GLY C 16 20.32 -25.90 29.55
C GLY C 16 19.38 -24.68 29.39
N SER C 17 19.96 -23.48 29.43
CA SER C 17 19.25 -22.20 29.18
C SER C 17 20.13 -21.22 28.41
N LEU C 18 19.51 -20.27 27.69
CA LEU C 18 20.23 -19.18 27.02
C LEU C 18 19.39 -17.88 26.98
N ARG C 19 20.09 -16.75 26.87
CA ARG C 19 19.56 -15.39 26.98
C ARG C 19 19.95 -14.59 25.73
N LEU C 20 19.11 -14.62 24.72
CA LEU C 20 19.24 -13.74 23.56
C LEU C 20 18.75 -12.32 23.90
N SER C 21 19.35 -11.34 23.24
CA SER C 21 18.97 -9.93 23.27
C SER C 21 18.96 -9.39 21.84
N CYS C 22 18.03 -8.48 21.53
CA CYS C 22 18.02 -7.72 20.29
C CYS C 22 17.89 -6.22 20.60
N ALA C 23 19.01 -5.51 20.54
CA ALA C 23 19.04 -4.06 20.74
C ALA C 23 18.47 -3.36 19.50
N VAL C 24 17.61 -2.36 19.69
CA VAL C 24 16.90 -1.68 18.60
C VAL C 24 16.96 -0.16 18.76
N SER C 25 17.20 0.55 17.66
CA SER C 25 17.24 2.01 17.62
C SER C 25 16.91 2.56 16.22
N GLY C 26 15.99 3.53 16.17
CA GLY C 26 15.51 4.14 14.91
C GLY C 26 13.97 4.32 14.79
N PHE C 27 13.18 3.86 15.77
CA PHE C 27 11.74 4.14 15.88
C PHE C 27 11.27 4.20 17.35
N THR C 28 9.98 4.51 17.58
CA THR C 28 9.38 4.56 18.92
C THR C 28 9.03 3.15 19.42
N PHE C 29 9.78 2.58 20.38
CA PHE C 29 9.61 1.17 20.77
C PHE C 29 8.22 0.81 21.28
N SER C 30 7.65 1.66 22.16
CA SER C 30 6.28 1.54 22.75
C SER C 30 5.12 1.56 21.74
N ASN C 31 5.41 1.70 20.45
CA ASN C 31 4.50 1.94 19.34
C ASN C 31 4.41 0.73 18.38
N TYR C 32 5.48 -0.06 18.18
CA TYR C 32 5.53 -1.19 17.21
C TYR C 32 6.04 -2.48 17.90
N ALA C 33 5.45 -3.64 17.57
CA ALA C 33 5.74 -4.97 18.13
C ALA C 33 7.12 -5.49 17.71
N MET C 34 7.70 -6.32 18.58
CA MET C 34 8.87 -7.12 18.24
C MET C 34 8.48 -8.59 18.05
N ASN C 35 9.05 -9.20 17.03
CA ASN C 35 8.89 -10.60 16.66
C ASN C 35 10.23 -11.33 16.77
N TRP C 36 10.12 -12.62 17.07
CA TRP C 36 11.21 -13.57 17.17
C TRP C 36 10.92 -14.79 16.30
N VAL C 37 11.81 -15.03 15.34
CA VAL C 37 11.68 -16.08 14.32
C VAL C 37 12.98 -16.89 14.24
N ARG C 38 12.86 -18.22 14.15
CA ARG C 38 13.98 -19.13 13.89
C ARG C 38 14.11 -19.38 12.39
N GLN C 39 15.26 -19.90 12.01
CA GLN C 39 15.46 -20.75 10.85
C GLN C 39 16.51 -21.80 11.21
N THR C 40 16.13 -23.07 11.27
CA THR C 40 17.13 -24.13 11.50
C THR C 40 17.99 -24.31 10.24
N PRO C 41 19.34 -24.43 10.34
CA PRO C 41 20.25 -24.31 9.19
C PRO C 41 19.84 -25.20 8.00
N GLY C 42 19.51 -24.56 6.87
CA GLY C 42 19.16 -25.21 5.61
C GLY C 42 17.72 -25.72 5.48
N LYS C 43 16.84 -25.47 6.46
CA LYS C 43 15.39 -25.78 6.38
C LYS C 43 14.57 -24.51 6.64
N GLU C 44 13.26 -24.60 6.51
CA GLU C 44 12.31 -23.49 6.54
C GLU C 44 12.37 -22.63 7.83
N LEU C 45 12.00 -21.34 7.69
CA LEU C 45 11.85 -20.43 8.82
C LEU C 45 10.56 -20.77 9.58
N GLU C 46 10.62 -20.71 10.90
CA GLU C 46 9.48 -20.93 11.79
C GLU C 46 9.43 -19.81 12.82
N TRP C 47 8.27 -19.22 13.04
CA TRP C 47 8.11 -18.24 14.11
C TRP C 47 8.13 -18.92 15.49
N VAL C 48 8.73 -18.28 16.50
CA VAL C 48 8.87 -18.89 17.85
C VAL C 48 8.20 -18.09 18.96
N SER C 49 8.24 -16.76 18.88
CA SER C 49 7.72 -15.87 19.93
C SER C 49 7.56 -14.45 19.41
N ALA C 50 6.72 -13.68 20.07
CA ALA C 50 6.45 -12.29 19.74
C ALA C 50 6.03 -11.56 21.00
N ILE C 51 6.10 -10.24 20.95
CA ILE C 51 5.75 -9.39 22.08
C ILE C 51 5.15 -8.09 21.56
N SER C 52 4.13 -7.61 22.24
CA SER C 52 3.48 -6.37 21.85
C SER C 52 4.44 -5.19 22.00
N GLY C 53 4.15 -4.11 21.28
CA GLY C 53 4.99 -2.93 21.34
C GLY C 53 5.03 -2.27 22.70
N THR C 54 3.93 -2.33 23.45
CA THR C 54 3.92 -1.80 24.82
C THR C 54 4.82 -2.61 25.74
N GLY C 55 4.73 -3.94 25.67
CA GLY C 55 5.62 -4.79 26.42
C GLY C 55 4.92 -5.88 27.20
N ASP C 56 3.58 -5.92 27.13
CA ASP C 56 2.79 -6.83 27.95
C ASP C 56 2.31 -8.04 27.15
N ASP C 57 1.72 -7.83 25.98
CA ASP C 57 1.05 -8.93 25.29
C ASP C 57 2.07 -9.75 24.50
N THR C 58 2.10 -11.06 24.77
CA THR C 58 3.08 -11.94 24.15
C THR C 58 2.40 -13.22 23.68
N HIS C 59 3.01 -13.90 22.70
CA HIS C 59 2.65 -15.24 22.25
C HIS C 59 3.91 -16.05 21.95
N TYR C 60 3.77 -17.36 21.88
CA TYR C 60 4.85 -18.30 21.62
C TYR C 60 4.32 -19.47 20.78
N ALA C 61 5.16 -20.01 19.90
CA ALA C 61 4.86 -21.19 19.10
C ALA C 61 4.76 -22.44 19.97
N ASP C 62 3.87 -23.36 19.62
CA ASP C 62 3.53 -24.56 20.38
C ASP C 62 4.72 -25.47 20.77
N SER C 63 5.80 -25.50 19.97
CA SER C 63 7.05 -26.23 20.29
C SER C 63 7.91 -25.60 21.41
N VAL C 64 7.67 -24.33 21.76
CA VAL C 64 8.38 -23.57 22.79
C VAL C 64 7.47 -23.00 23.90
N ARG C 65 6.14 -23.20 23.83
CA ARG C 65 5.22 -22.81 24.91
C ARG C 65 5.60 -23.49 26.23
N GLY C 66 5.74 -22.70 27.30
CA GLY C 66 6.19 -23.17 28.61
C GLY C 66 7.70 -23.45 28.73
N ARG C 67 8.47 -23.20 27.67
CA ARG C 67 9.97 -23.33 27.76
C ARG C 67 10.62 -21.97 27.50
N PHE C 68 10.07 -21.19 26.57
CA PHE C 68 10.61 -19.87 26.22
C PHE C 68 9.79 -18.79 26.95
N THR C 69 10.47 -17.73 27.36
CA THR C 69 9.92 -16.60 28.13
C THR C 69 10.47 -15.28 27.56
N ILE C 70 9.64 -14.53 26.85
CA ILE C 70 9.99 -13.23 26.26
C ILE C 70 9.86 -12.12 27.31
N SER C 71 10.60 -11.04 27.14
CA SER C 71 10.56 -9.86 28.02
C SER C 71 11.18 -8.66 27.27
N SER C 72 10.99 -7.45 27.80
CA SER C 72 11.54 -6.24 27.13
C SER C 72 11.71 -5.13 28.15
N ASP C 73 12.17 -3.95 27.70
CA ASP C 73 12.32 -2.79 28.62
C ASP C 73 12.43 -1.50 27.79
N ASN C 74 11.58 -0.52 28.09
CA ASN C 74 11.60 0.76 27.38
C ASN C 74 12.77 1.68 27.86
N SER C 75 13.53 1.25 28.90
CA SER C 75 14.67 1.94 29.51
C SER C 75 15.96 1.66 28.72
N LYS C 76 16.31 0.38 28.49
CA LYS C 76 17.47 -0.03 27.66
C LYS C 76 17.09 -0.19 26.18
N ASN C 77 15.80 -0.07 25.84
CA ASN C 77 15.26 -0.08 24.48
C ASN C 77 15.58 -1.39 23.74
N THR C 78 15.37 -2.53 24.42
CA THR C 78 15.73 -3.85 23.93
C THR C 78 14.72 -4.93 24.33
N VAL C 79 14.72 -6.01 23.55
CA VAL C 79 13.93 -7.22 23.76
C VAL C 79 14.83 -8.38 24.14
N TYR C 80 14.37 -9.17 25.11
CA TYR C 80 15.03 -10.38 25.58
C TYR C 80 14.25 -11.62 25.17
N LEU C 81 15.00 -12.64 24.79
CA LEU C 81 14.53 -14.01 24.62
C LEU C 81 15.25 -14.92 25.62
N GLN C 82 14.63 -15.13 26.78
CA GLN C 82 15.08 -16.09 27.78
C GLN C 82 14.46 -17.45 27.45
N MET C 83 15.26 -18.50 27.36
CA MET C 83 14.78 -19.86 27.08
C MET C 83 15.47 -20.88 27.97
N ASN C 84 14.71 -21.91 28.35
CA ASN C 84 15.14 -23.00 29.20
C ASN C 84 14.75 -24.36 28.62
N SER C 85 15.48 -25.38 29.06
CA SER C 85 15.36 -26.77 28.62
C SER C 85 15.30 -26.90 27.11
N LEU C 86 16.32 -26.37 26.41
CA LEU C 86 16.44 -26.51 24.95
C LEU C 86 16.63 -28.00 24.58
N ARG C 87 16.03 -28.43 23.47
CA ARG C 87 16.18 -29.77 22.86
C ARG C 87 16.98 -29.65 21.57
N VAL C 88 17.43 -30.78 21.01
CA VAL C 88 18.25 -30.84 19.80
C VAL C 88 17.60 -30.15 18.59
N GLU C 89 16.26 -30.20 18.47
CA GLU C 89 15.48 -29.51 17.44
C GLU C 89 15.46 -27.97 17.58
N ASP C 90 15.85 -27.43 18.74
CA ASP C 90 15.93 -25.98 18.97
C ASP C 90 17.16 -25.32 18.33
N THR C 91 18.12 -26.06 17.72
CA THR C 91 19.24 -25.42 17.01
C THR C 91 18.77 -24.61 15.79
N ALA C 92 19.24 -23.37 15.67
CA ALA C 92 18.90 -22.49 14.57
C ALA C 92 19.84 -21.29 14.43
N ILE C 93 19.61 -20.48 13.41
CA ILE C 93 19.83 -19.05 13.51
C ILE C 93 18.53 -18.38 13.93
N TYR C 94 18.61 -17.54 14.97
CA TYR C 94 17.51 -16.68 15.37
C TYR C 94 17.66 -15.30 14.70
N TYR C 95 16.52 -14.73 14.30
CA TYR C 95 16.42 -13.37 13.76
C TYR C 95 15.41 -12.63 14.63
N CYS C 96 15.80 -11.50 15.21
CA CYS C 96 14.82 -10.55 15.70
C CYS C 96 14.32 -9.67 14.55
N ALA C 97 13.03 -9.31 14.57
CA ALA C 97 12.45 -8.45 13.54
C ALA C 97 11.23 -7.68 14.05
N LYS C 98 11.11 -6.41 13.68
CA LYS C 98 9.96 -5.55 14.03
C LYS C 98 8.77 -5.85 13.12
N ALA C 99 7.55 -5.92 13.68
CA ALA C 99 6.32 -6.03 12.91
C ALA C 99 5.73 -4.64 12.66
N ILE C 100 4.80 -4.57 11.71
CA ILE C 100 4.19 -3.29 11.38
C ILE C 100 3.20 -2.84 12.43
N SER C 101 2.80 -3.72 13.34
CA SER C 101 1.69 -3.47 14.24
C SER C 101 2.17 -3.31 15.67
N ARG C 102 1.36 -2.61 16.47
CA ARG C 102 1.67 -2.48 17.90
C ARG C 102 1.45 -3.79 18.63
N TYR C 103 0.32 -4.44 18.39
CA TYR C 103 0.25 -5.74 19.04
C TYR C 103 0.64 -6.84 18.06
N PRO C 104 1.07 -8.03 18.49
CA PRO C 104 1.71 -8.94 17.55
C PRO C 104 0.76 -9.55 16.52
N TRP C 105 0.80 -8.96 15.33
CA TRP C 105 0.24 -9.54 14.10
C TRP C 105 0.95 -8.86 12.95
N GLY C 106 0.44 -9.00 11.74
CA GLY C 106 1.08 -8.20 10.72
C GLY C 106 2.40 -8.79 10.27
N CYS C 107 3.06 -8.04 9.40
CA CYS C 107 4.27 -8.53 8.74
C CYS C 107 5.49 -7.83 9.31
N LEU C 108 6.66 -8.33 8.92
CA LEU C 108 7.94 -7.92 9.49
C LEU C 108 8.72 -7.13 8.44
N ASP C 109 9.12 -5.90 8.74
CA ASP C 109 9.76 -4.99 7.77
C ASP C 109 11.30 -5.08 7.80
N TYR C 110 11.87 -4.82 8.98
CA TYR C 110 13.31 -4.76 9.23
C TYR C 110 13.71 -5.92 10.14
N TRP C 111 14.84 -6.53 9.81
CA TRP C 111 15.30 -7.79 10.36
C TRP C 111 16.76 -7.67 10.79
N GLY C 112 17.09 -8.23 11.95
CA GLY C 112 18.45 -8.29 12.45
C GLY C 112 19.32 -9.17 11.56
N GLN C 113 20.64 -9.01 11.69
CA GLN C 113 21.64 -9.83 11.01
C GLN C 113 21.51 -11.33 11.37
N GLY C 114 20.92 -11.59 12.54
CA GLY C 114 20.66 -12.90 13.11
C GLY C 114 21.87 -13.48 13.85
N THR C 115 21.63 -14.44 14.74
CA THR C 115 22.65 -15.08 15.57
C THR C 115 22.55 -16.60 15.57
N LEU C 116 23.69 -17.28 15.48
CA LEU C 116 23.80 -18.73 15.65
C LEU C 116 23.48 -19.13 17.10
N VAL C 117 22.56 -20.07 17.25
CA VAL C 117 22.28 -20.78 18.50
C VAL C 117 22.37 -22.29 18.28
N THR C 118 23.32 -22.90 18.97
CA THR C 118 23.68 -24.31 18.82
C THR C 118 23.46 -25.06 20.12
N VAL C 119 22.82 -26.22 19.97
CA VAL C 119 22.62 -27.20 21.03
C VAL C 119 23.28 -28.50 20.58
N SER C 120 24.15 -29.01 21.42
CA SER C 120 25.01 -30.18 21.22
C SER C 120 25.38 -30.73 22.62
N SER C 121 26.05 -31.87 22.67
CA SER C 121 26.48 -32.52 23.93
C SER C 121 27.98 -32.78 23.90
N GLU D 1 -6.76 -23.72 9.35
CA GLU D 1 -6.07 -22.42 9.23
C GLU D 1 -6.02 -22.00 7.77
N ILE D 2 -5.11 -21.11 7.36
CA ILE D 2 -4.99 -20.62 5.99
C ILE D 2 -3.81 -21.29 5.28
N VAL D 3 -4.09 -22.06 4.23
CA VAL D 3 -3.00 -22.70 3.43
C VAL D 3 -2.70 -21.85 2.18
N LEU D 4 -1.57 -22.12 1.49
CA LEU D 4 -1.17 -21.28 0.33
C LEU D 4 -0.22 -21.98 -0.65
N THR D 5 1.00 -21.46 -0.85
CA THR D 5 1.95 -21.95 -1.87
C THR D 5 1.28 -22.11 -3.24
N GLN D 6 1.23 -23.31 -3.80
CA GLN D 6 1.16 -23.57 -5.24
C GLN D 6 2.33 -22.87 -5.97
N SER D 7 3.54 -23.35 -5.70
CA SER D 7 4.83 -22.85 -6.22
C SER D 7 5.48 -23.79 -7.28
N PRO D 8 5.03 -23.74 -8.54
CA PRO D 8 5.91 -23.72 -9.70
C PRO D 8 6.52 -22.31 -9.87
N GLY D 9 7.28 -22.10 -10.95
CA GLY D 9 8.04 -20.86 -11.16
C GLY D 9 9.45 -20.88 -10.56
N THR D 10 9.89 -22.03 -10.02
CA THR D 10 11.27 -22.21 -9.58
C THR D 10 12.19 -22.49 -10.75
N LEU D 11 11.63 -22.66 -11.95
CA LEU D 11 12.43 -22.96 -13.14
C LEU D 11 13.52 -21.93 -13.33
N SER D 12 14.73 -22.42 -13.59
CA SER D 12 15.90 -21.56 -13.63
C SER D 12 15.84 -20.61 -14.82
N LEU D 13 15.56 -19.34 -14.54
CA LEU D 13 15.46 -18.32 -15.55
C LEU D 13 16.83 -17.68 -15.74
N SER D 14 16.97 -16.85 -16.76
CA SER D 14 18.21 -16.12 -16.98
C SER D 14 18.04 -14.67 -16.54
N PRO D 15 19.14 -13.96 -16.29
CA PRO D 15 19.03 -12.56 -15.86
C PRO D 15 18.28 -11.71 -16.88
N GLY D 16 17.43 -10.83 -16.38
CA GLY D 16 16.84 -9.79 -17.19
C GLY D 16 15.57 -10.13 -17.95
N GLU D 17 14.75 -11.04 -17.43
CA GLU D 17 13.47 -11.33 -18.04
C GLU D 17 12.34 -11.28 -17.02
N ARG D 18 11.12 -11.21 -17.55
CA ARG D 18 9.91 -11.20 -16.75
C ARG D 18 9.69 -12.55 -16.08
N ALA D 19 9.36 -12.52 -14.80
CA ALA D 19 8.97 -13.71 -14.06
C ALA D 19 7.73 -13.40 -13.22
N THR D 20 6.74 -14.29 -13.30
CA THR D 20 5.52 -14.15 -12.51
C THR D 20 5.48 -15.24 -11.45
N LEU D 21 5.03 -14.93 -10.24
CA LEU D 21 4.99 -15.81 -9.07
C LEU D 21 3.53 -16.00 -8.66
N SER D 22 3.00 -17.22 -8.74
CA SER D 22 1.65 -17.56 -8.26
C SER D 22 1.60 -17.69 -6.73
N CYS D 23 0.46 -17.28 -6.14
CA CYS D 23 0.17 -17.52 -4.73
C CYS D 23 -1.34 -17.72 -4.60
N ARG D 24 -1.75 -18.93 -4.26
CA ARG D 24 -3.16 -19.30 -4.21
C ARG D 24 -3.59 -19.45 -2.77
N ALA D 25 -4.58 -18.63 -2.37
CA ALA D 25 -5.18 -18.77 -1.06
C ALA D 25 -6.34 -19.77 -1.11
N SER D 26 -6.78 -20.19 0.08
CA SER D 26 -7.85 -21.17 0.18
C SER D 26 -9.12 -20.64 0.83
N GLN D 27 -9.10 -19.42 1.38
CA GLN D 27 -10.26 -18.86 2.05
C GLN D 27 -10.56 -17.43 1.63
N SER D 28 -9.87 -16.91 0.60
CA SER D 28 -10.03 -15.52 0.17
C SER D 28 -9.65 -14.56 1.29
N VAL D 29 -8.35 -14.51 1.61
CA VAL D 29 -7.86 -13.72 2.74
C VAL D 29 -8.43 -12.31 2.71
N SER D 30 -8.66 -11.76 3.90
CA SER D 30 -9.36 -10.50 4.04
C SER D 30 -8.39 -9.32 4.01
N ASN D 31 -8.86 -8.19 3.49
CA ASN D 31 -8.14 -6.93 3.47
C ASN D 31 -6.81 -7.03 2.72
N SER D 32 -6.65 -8.08 1.92
CA SER D 32 -5.44 -8.30 1.13
C SER D 32 -4.19 -8.27 2.01
N TYR D 33 -4.27 -8.94 3.16
CA TYR D 33 -3.16 -8.98 4.10
C TYR D 33 -2.15 -10.06 3.69
N LEU D 34 -1.45 -9.76 2.60
CA LEU D 34 -0.40 -10.63 2.08
C LEU D 34 0.89 -9.83 1.96
N ALA D 35 2.02 -10.54 1.98
CA ALA D 35 3.31 -9.88 1.90
C ALA D 35 4.33 -10.85 1.34
N TRP D 36 5.39 -10.29 0.76
CA TRP D 36 6.44 -11.04 0.10
C TRP D 36 7.78 -10.58 0.65
N TYR D 37 8.65 -11.53 1.00
CA TYR D 37 10.07 -11.29 1.26
C TYR D 37 10.92 -11.74 0.08
N GLN D 38 12.18 -11.30 0.09
CA GLN D 38 13.30 -12.00 -0.56
C GLN D 38 14.34 -12.35 0.50
N GLN D 39 14.91 -13.55 0.42
CA GLN D 39 16.19 -13.89 1.08
C GLN D 39 17.17 -14.51 0.09
N LYS D 40 18.40 -13.98 0.07
CA LYS D 40 19.56 -14.61 -0.58
C LYS D 40 20.16 -15.65 0.39
N PRO D 41 20.92 -16.66 -0.08
CA PRO D 41 21.21 -17.91 0.65
C PRO D 41 21.59 -17.83 2.14
N GLY D 42 22.35 -16.82 2.57
CA GLY D 42 22.93 -16.72 3.92
C GLY D 42 22.71 -15.37 4.61
N GLN D 43 21.64 -14.64 4.31
CA GLN D 43 21.32 -13.36 4.95
C GLN D 43 19.85 -13.29 5.37
N ALA D 44 19.53 -12.41 6.33
CA ALA D 44 18.16 -12.21 6.80
C ALA D 44 17.18 -11.89 5.65
N PRO D 45 15.93 -12.39 5.70
CA PRO D 45 14.89 -11.96 4.78
C PRO D 45 14.64 -10.47 4.89
N ARG D 46 14.21 -9.88 3.77
CA ARG D 46 13.80 -8.48 3.67
C ARG D 46 12.46 -8.38 2.96
N LEU D 47 11.54 -7.61 3.56
CA LEU D 47 10.20 -7.38 3.02
C LEU D 47 10.28 -6.66 1.68
N LEU D 48 9.42 -7.01 0.71
CA LEU D 48 9.36 -6.36 -0.62
C LEU D 48 8.04 -5.63 -0.83
N ILE D 49 6.97 -6.39 -0.61
CA ILE D 49 5.57 -6.01 -0.78
C ILE D 49 4.85 -6.38 0.50
N TYR D 50 3.89 -5.54 0.90
CA TYR D 50 2.91 -5.78 1.95
C TYR D 50 1.55 -5.25 1.49
N GLY D 51 0.51 -5.49 2.28
CA GLY D 51 -0.84 -5.10 1.85
C GLY D 51 -1.18 -5.76 0.52
N ALA D 52 -0.36 -6.71 0.09
CA ALA D 52 -0.58 -7.43 -1.20
C ALA D 52 -0.77 -6.42 -2.34
N SER D 53 -0.33 -5.17 -2.14
CA SER D 53 -0.52 -4.11 -3.17
C SER D 53 0.12 -2.81 -2.66
N SER D 54 1.30 -2.91 -2.03
CA SER D 54 1.96 -1.75 -1.44
C SER D 54 3.44 -2.08 -1.25
N ARG D 55 4.30 -1.30 -1.90
CA ARG D 55 5.72 -1.55 -1.84
C ARG D 55 6.33 -0.94 -0.58
N ALA D 56 7.25 -1.66 0.04
CA ALA D 56 7.88 -1.21 1.26
C ALA D 56 9.05 -0.27 0.95
N THR D 57 9.65 0.28 1.99
CA THR D 57 10.81 1.20 1.81
C THR D 57 12.01 0.41 1.28
N GLY D 58 12.96 1.09 0.65
CA GLY D 58 14.19 0.43 0.14
C GLY D 58 13.87 -0.74 -0.78
N ILE D 59 12.79 -0.63 -1.56
CA ILE D 59 12.45 -1.70 -2.54
C ILE D 59 12.39 -1.09 -3.94
N PRO D 60 13.20 -1.53 -4.92
CA PRO D 60 13.10 -1.04 -6.30
C PRO D 60 11.71 -1.30 -6.87
N ASP D 61 11.31 -0.45 -7.80
CA ASP D 61 10.01 -0.59 -8.46
C ASP D 61 10.00 -1.82 -9.36
N ARG D 62 11.15 -2.49 -9.46
CA ARG D 62 11.24 -3.73 -10.23
C ARG D 62 10.25 -4.77 -9.71
N PHE D 63 9.95 -4.74 -8.42
CA PHE D 63 8.97 -5.63 -7.83
C PHE D 63 7.59 -4.99 -7.85
N SER D 64 6.58 -5.81 -8.13
CA SER D 64 5.19 -5.37 -8.11
C SER D 64 4.31 -6.60 -7.97
N GLY D 65 3.12 -6.44 -7.41
CA GLY D 65 2.17 -7.53 -7.27
C GLY D 65 0.74 -7.02 -7.12
N SER D 66 -0.21 -7.93 -7.24
CA SER D 66 -1.64 -7.69 -7.10
C SER D 66 -2.37 -9.01 -6.87
N GLY D 67 -3.59 -8.93 -6.37
CA GLY D 67 -4.38 -10.11 -6.03
C GLY D 67 -5.58 -9.75 -5.18
N SER D 68 -6.55 -10.64 -5.16
CA SER D 68 -7.76 -10.51 -4.35
C SER D 68 -8.50 -11.84 -4.32
N GLY D 69 -9.34 -12.04 -3.30
CA GLY D 69 -9.95 -13.33 -3.05
C GLY D 69 -8.88 -14.42 -2.92
N THR D 70 -9.06 -15.53 -3.62
CA THR D 70 -8.21 -16.74 -3.53
C THR D 70 -6.92 -16.64 -4.37
N ASP D 71 -6.65 -15.54 -5.07
CA ASP D 71 -5.59 -15.53 -6.08
C ASP D 71 -4.76 -14.24 -6.06
N PHE D 72 -3.46 -14.41 -5.78
CA PHE D 72 -2.45 -13.36 -5.71
C PHE D 72 -1.26 -13.69 -6.61
N THR D 73 -0.65 -12.66 -7.18
CA THR D 73 0.47 -12.79 -8.12
C THR D 73 1.53 -11.73 -7.83
N LEU D 74 2.74 -12.15 -7.48
CA LEU D 74 3.93 -11.28 -7.46
C LEU D 74 4.50 -11.28 -8.90
N THR D 75 4.59 -10.14 -9.56
CA THR D 75 5.07 -10.04 -10.94
C THR D 75 6.33 -9.19 -10.97
N ILE D 76 7.50 -9.81 -11.17
CA ILE D 76 8.74 -9.05 -11.26
C ILE D 76 8.97 -8.74 -12.74
N SER D 77 9.23 -7.46 -13.04
CA SER D 77 9.32 -7.04 -14.44
C SER D 77 10.52 -7.63 -15.14
N ARG D 78 11.66 -7.69 -14.46
CA ARG D 78 12.90 -8.17 -15.02
C ARG D 78 13.77 -8.62 -13.86
N LEU D 79 14.96 -9.14 -14.16
CA LEU D 79 15.71 -9.88 -13.15
C LEU D 79 17.19 -9.48 -13.17
N GLU D 80 17.56 -8.53 -12.30
CA GLU D 80 18.93 -8.24 -11.92
C GLU D 80 19.51 -9.41 -11.13
N PRO D 81 20.86 -9.58 -11.06
CA PRO D 81 21.44 -10.78 -10.43
C PRO D 81 21.08 -10.96 -8.95
N GLU D 82 20.80 -9.87 -8.22
CA GLU D 82 20.57 -10.05 -6.79
C GLU D 82 19.19 -10.63 -6.51
N ASP D 83 18.34 -10.72 -7.53
CA ASP D 83 16.98 -11.23 -7.41
C ASP D 83 16.92 -12.76 -7.48
N PHE D 84 18.04 -13.42 -7.74
CA PHE D 84 18.10 -14.88 -7.71
C PHE D 84 18.08 -15.31 -6.25
N ALA D 85 16.87 -15.38 -5.70
CA ALA D 85 16.69 -15.68 -4.29
C ALA D 85 15.35 -16.37 -4.08
N VAL D 86 15.08 -16.70 -2.81
CA VAL D 86 13.84 -17.34 -2.36
C VAL D 86 12.79 -16.29 -2.00
N TYR D 87 11.57 -16.47 -2.51
CA TYR D 87 10.39 -15.64 -2.23
C TYR D 87 9.32 -16.41 -1.44
N TYR D 88 8.66 -15.73 -0.49
CA TYR D 88 7.74 -16.33 0.49
C TYR D 88 6.32 -15.76 0.48
N CYS D 89 5.36 -16.54 1.02
CA CYS D 89 3.94 -16.26 0.88
C CYS D 89 3.42 -15.35 2.00
N GLN D 90 3.58 -15.75 3.26
CA GLN D 90 3.26 -14.90 4.40
C GLN D 90 1.83 -14.37 4.41
N GLN D 91 0.86 -15.25 4.64
CA GLN D 91 -0.43 -14.77 5.12
C GLN D 91 -0.28 -14.29 6.56
N TYR D 92 -0.82 -13.11 6.85
CA TYR D 92 -0.74 -12.55 8.19
C TYR D 92 -2.05 -11.84 8.52
N GLY D 93 -2.32 -11.74 9.82
CA GLY D 93 -3.51 -11.07 10.30
C GLY D 93 -4.54 -11.96 10.95
N THR D 94 -4.16 -13.12 11.47
CA THR D 94 -5.08 -14.04 12.12
C THR D 94 -4.32 -14.98 13.05
N SER D 95 -4.64 -14.94 14.34
CA SER D 95 -4.09 -15.82 15.37
C SER D 95 -2.58 -15.95 15.15
N PRO D 96 -1.81 -14.90 15.45
CA PRO D 96 -0.76 -14.49 14.49
C PRO D 96 0.14 -15.62 14.03
N ARG D 97 0.86 -16.20 14.98
CA ARG D 97 1.72 -17.39 14.68
C ARG D 97 2.68 -17.10 13.54
N LEU D 98 2.35 -16.12 12.72
CA LEU D 98 3.18 -15.86 11.53
C LEU D 98 3.19 -17.08 10.62
N THR D 99 3.52 -16.89 9.34
CA THR D 99 3.34 -17.96 8.37
C THR D 99 4.44 -17.88 7.32
N PHE D 100 5.18 -18.98 7.14
CA PHE D 100 6.23 -19.02 6.09
C PHE D 100 5.99 -20.26 5.22
N GLY D 101 5.66 -20.06 3.94
CA GLY D 101 5.37 -21.19 3.03
C GLY D 101 6.61 -21.97 2.67
N GLY D 102 6.54 -22.78 1.62
CA GLY D 102 7.72 -23.54 1.15
C GLY D 102 8.75 -22.59 0.55
N GLY D 103 8.30 -21.63 -0.26
CA GLY D 103 9.20 -20.68 -0.89
C GLY D 103 9.16 -20.79 -2.42
N THR D 104 10.08 -20.13 -3.14
CA THR D 104 10.33 -20.28 -4.59
C THR D 104 11.78 -19.93 -4.87
N LYS D 105 12.65 -20.91 -5.16
CA LYS D 105 14.01 -20.60 -5.61
C LYS D 105 14.00 -20.36 -7.13
N VAL D 106 14.31 -19.13 -7.56
CA VAL D 106 14.72 -18.82 -8.94
C VAL D 106 16.24 -18.83 -9.06
N GLU D 107 16.79 -19.77 -9.81
CA GLU D 107 18.23 -19.96 -10.07
C GLU D 107 18.61 -19.57 -11.51
N ILE D 108 19.91 -19.58 -11.82
CA ILE D 108 20.50 -19.31 -13.14
C ILE D 108 20.57 -20.61 -13.99
N LYS D 109 20.30 -20.51 -15.30
CA LYS D 109 20.64 -21.50 -16.34
C LYS D 109 20.66 -20.84 -17.72
#